data_4L9P
#
_entry.id   4L9P
#
_cell.length_a   63.236
_cell.length_b   90.328
_cell.length_c   83.007
_cell.angle_alpha   90.00
_cell.angle_beta   111.01
_cell.angle_gamma   90.00
#
_symmetry.space_group_name_H-M   'P 1 21 1'
#
loop_
_entity.id
_entity.type
_entity.pdbx_description
1 polymer 'CaaX farnesyltransferase alpha subunit Ram2'
2 polymer 'CaaX farnesyltransferase beta subunit Ram1'
3 polymer 'LYS-CYS-VAL-VAL-MET (CAAX peptide)'
4 non-polymer 'CHLORIDE ION'
5 non-polymer 1,2-ETHANEDIOL
6 non-polymer 'ZINC ION'
7 non-polymer '[(3,7,11-TRIMETHYL-DODECA-2,6,10-TRIENYLOXYCARBAMOYL)-METHYL]-PHOSPHONIC ACID'
8 water water
#
loop_
_entity_poly.entity_id
_entity_poly.type
_entity_poly.pdbx_seq_one_letter_code
_entity_poly.pdbx_strand_id
1 'polypeptide(L)'
;MGSSHHHHHHSQDPMEGKYSSDPEWASIKPIELNDGSDFGAMPLATISYSPEYLEATSYLRAVMAANEMSERALRLTGDI
ISMNPAHYTVWIYRAKILFALGKDLNEEIEWLNKVALKHLKNYQIWHHRQVLMSSRAHFPTLPPREQDFLMEMFAQDAKS
YHVWTYRHWLVRHFKLWDHPREIQDVEALLKADVRNNSAWNHRYMLRFGPRDENEFDAGLHNTTGPSSEKGRLPVVDEDL
VDSELQYSQSRILEAPENRSPWSYARGVLQAAGRPLSEWKDFARSFVVEKQENGQVVDVAVKSSHAIEWLADVYAEEDGS
EGSAAEAVKMLTLLKEKYDPIRRNYWEYRIRQITASAAHATEISASA
;
A
2 'polypeptide(L)'
;MPVIAATGKHRRKVLFSSTSQGLSVTAGKPKGRKFSANLQVNSRSPAVTSSHNHSSSSQSGKMGESQVHPGIPALFREPP
LIHDLLSTETTELQSETVNKCLPLLKGIHNSQKGPFNKYGIPALQRKDHLEYLYDSLEDYPASFVALDASRPWMVYWALA
GLCLLGEDVTRFRERVISTFTAAQNSTGGIGGGHGQMSHVASSYAAVLSIAMVGGEEAFKLIDRKAMWKWLGKLKQPDGG
FTVCEGGEEDVRGAYCAMVVHALLDLPLALPPEAEARQNGLETFTDGLPEYLSRCQTYEGGISGSPGSEAHGAYAFCALA
CLCLLGRPEVVVPRYMNIATLLPWLSARQYAPEGGFSGRTNKLVDGCYSHWVGNCWPLVQAALDGTQPLAGPKRSSVGNL
YSREGLTRYILSCCQCKLGGLRDKPGKHPDSYHTCYALTGLSTVQYYHYCTDSSVSSKDDFSSAFSWKHDPNFASDGQGS
DIGVFTENDRLVPFHPIFVIPHKSAEDIRVWFENQSFDL
;
B
3 'polypeptide(L)' KCVVM C
#
loop_
_chem_comp.id
_chem_comp.type
_chem_comp.name
_chem_comp.formula
CL non-polymer 'CHLORIDE ION' 'Cl -1'
EDO non-polymer 1,2-ETHANEDIOL 'C2 H6 O2'
FII non-polymer '[(3,7,11-TRIMETHYL-DODECA-2,6,10-TRIENYLOXYCARBAMOYL)-METHYL]-PHOSPHONIC ACID' 'C17 H30 N O5 P'
ZN non-polymer 'ZINC ION' 'Zn 2'
#
# COMPACT_ATOMS: atom_id res chain seq x y z
N GLY A 17 42.56 4.32 -2.32
CA GLY A 17 41.15 4.66 -2.54
C GLY A 17 40.92 5.49 -3.81
N LYS A 18 39.93 5.13 -4.64
CA LYS A 18 39.86 5.67 -6.01
C LYS A 18 39.68 7.17 -6.12
N TYR A 19 38.77 7.74 -5.35
CA TYR A 19 38.54 9.17 -5.36
C TYR A 19 39.67 9.92 -4.69
N SER A 20 40.13 9.43 -3.55
CA SER A 20 41.16 10.20 -2.86
C SER A 20 42.51 10.22 -3.57
N SER A 21 42.76 9.25 -4.44
CA SER A 21 44.02 9.25 -5.16
C SER A 21 43.94 9.96 -6.51
N ASP A 22 42.74 10.35 -6.94
CA ASP A 22 42.50 10.87 -8.30
C ASP A 22 42.70 12.37 -8.27
N PRO A 23 43.68 12.90 -9.05
CA PRO A 23 43.79 14.36 -9.02
C PRO A 23 42.55 15.15 -9.50
N GLU A 24 41.63 14.46 -10.23
CA GLU A 24 40.37 15.06 -10.64
C GLU A 24 39.54 15.50 -9.43
N TRP A 25 39.79 14.86 -8.31
CA TRP A 25 39.01 15.03 -7.08
C TRP A 25 39.84 15.75 -6.03
N ALA A 26 41.05 16.17 -6.40
CA ALA A 26 41.87 16.80 -5.38
C ALA A 26 41.33 18.07 -4.79
N SER A 27 40.57 18.87 -5.56
CA SER A 27 40.10 20.20 -5.14
C SER A 27 38.99 20.18 -4.11
N ILE A 28 38.54 18.99 -3.68
CA ILE A 28 37.44 18.91 -2.70
C ILE A 28 37.74 17.85 -1.63
N LYS A 29 37.43 18.16 -0.37
CA LYS A 29 37.66 17.25 0.76
C LYS A 29 36.37 16.51 1.08
N PRO A 30 36.45 15.19 1.22
CA PRO A 30 35.24 14.38 1.50
C PRO A 30 34.76 14.65 2.91
N ILE A 31 33.48 14.42 3.15
CA ILE A 31 32.89 14.51 4.48
C ILE A 31 32.64 13.10 5.02
N GLU A 32 33.41 12.73 6.03
CA GLU A 32 33.39 11.43 6.69
CA GLU A 32 33.35 11.37 6.56
C GLU A 32 32.01 11.10 7.26
N LEU A 33 31.64 9.83 7.28
CA LEU A 33 30.38 9.38 7.88
C LEU A 33 30.34 9.61 9.39
N ASN A 34 29.23 10.15 9.85
CA ASN A 34 28.96 10.23 11.26
C ASN A 34 27.62 9.51 11.46
N ASP A 35 27.67 8.27 11.91
CA ASP A 35 26.41 7.53 12.09
C ASP A 35 25.93 7.57 13.55
N GLY A 36 26.63 8.34 14.39
CA GLY A 36 26.23 8.47 15.78
C GLY A 36 26.96 7.53 16.74
N SER A 37 27.81 6.67 16.17
CA SER A 37 28.56 5.71 16.98
C SER A 37 29.90 6.33 17.35
N ASP A 38 30.16 6.47 18.65
CA ASP A 38 31.27 7.27 19.15
C ASP A 38 30.90 8.72 18.90
N PHE A 39 29.62 8.98 19.16
CA PHE A 39 29.08 10.28 19.54
C PHE A 39 27.94 9.95 20.53
N GLY A 40 27.89 8.69 21.00
CA GLY A 40 26.95 8.31 22.07
C GLY A 40 26.71 6.82 22.35
N ALA A 41 25.46 6.45 22.62
CA ALA A 41 25.02 5.03 22.58
C ALA A 41 25.17 4.58 21.15
N MET A 42 25.29 3.27 20.94
N MET A 42 25.28 3.28 20.93
CA MET A 42 25.50 2.69 19.61
CA MET A 42 25.51 2.75 19.60
C MET A 42 24.23 2.77 18.76
C MET A 42 24.24 2.78 18.75
N PRO A 43 24.36 3.20 17.49
CA PRO A 43 23.15 3.26 16.64
C PRO A 43 22.68 1.87 16.28
N LEU A 44 21.46 1.83 15.71
CA LEU A 44 20.80 0.58 15.45
C LEU A 44 20.82 0.23 13.95
N ALA A 45 20.76 -1.08 13.64
CA ALA A 45 20.63 -1.53 12.25
C ALA A 45 21.69 -0.92 11.36
N THR A 46 22.92 -0.89 11.87
CA THR A 46 24.02 -0.38 11.05
C THR A 46 24.42 -1.36 9.91
N ILE A 47 25.09 -0.83 8.89
CA ILE A 47 25.59 -1.63 7.78
C ILE A 47 27.09 -1.42 7.69
N SER A 48 27.83 -2.52 7.67
CA SER A 48 29.27 -2.43 7.50
C SER A 48 29.64 -2.23 6.01
N TYR A 49 29.50 -0.98 5.54
CA TYR A 49 29.68 -0.62 4.14
C TYR A 49 31.04 -1.00 3.61
N SER A 50 31.08 -1.32 2.33
CA SER A 50 32.39 -1.56 1.71
C SER A 50 33.22 -0.29 1.74
N PRO A 51 34.56 -0.43 1.75
CA PRO A 51 35.41 0.77 1.62
C PRO A 51 35.06 1.63 0.38
N GLU A 52 34.71 0.99 -0.74
CA GLU A 52 34.43 1.76 -1.96
C GLU A 52 33.18 2.63 -1.77
N TYR A 53 32.15 2.05 -1.13
CA TYR A 53 30.91 2.78 -0.92
C TYR A 53 31.10 3.87 0.14
N LEU A 54 31.85 3.58 1.21
CA LEU A 54 32.13 4.62 2.21
C LEU A 54 32.84 5.80 1.55
N GLU A 55 33.83 5.52 0.70
CA GLU A 55 34.59 6.62 0.11
C GLU A 55 33.70 7.41 -0.86
N ALA A 56 33.00 6.71 -1.75
CA ALA A 56 32.17 7.40 -2.75
C ALA A 56 31.15 8.30 -2.06
N THR A 57 30.46 7.75 -1.07
CA THR A 57 29.43 8.55 -0.40
C THR A 57 29.97 9.72 0.41
N SER A 58 31.21 9.61 0.94
CA SER A 58 31.82 10.74 1.61
CA SER A 58 31.84 10.75 1.61
C SER A 58 32.14 11.89 0.62
N TYR A 59 32.53 11.53 -0.60
CA TYR A 59 32.68 12.56 -1.66
C TYR A 59 31.31 13.11 -2.08
N LEU A 60 30.26 12.25 -2.09
CA LEU A 60 28.95 12.76 -2.46
C LEU A 60 28.46 13.80 -1.43
N ARG A 61 28.68 13.53 -0.15
CA ARG A 61 28.30 14.50 0.86
C ARG A 61 28.97 15.85 0.58
N ALA A 62 30.25 15.83 0.21
CA ALA A 62 30.96 17.07 -0.04
C ALA A 62 30.43 17.81 -1.26
N VAL A 63 30.24 17.10 -2.38
CA VAL A 63 29.74 17.80 -3.56
C VAL A 63 28.34 18.37 -3.34
N MET A 64 27.47 17.59 -2.67
CA MET A 64 26.13 18.10 -2.48
C MET A 64 26.13 19.31 -1.53
N ALA A 65 26.96 19.28 -0.49
CA ALA A 65 27.06 20.40 0.42
C ALA A 65 27.52 21.69 -0.31
N ALA A 66 28.38 21.53 -1.32
CA ALA A 66 28.86 22.66 -2.12
C ALA A 66 27.89 23.01 -3.28
N ASN A 67 26.83 22.21 -3.45
CA ASN A 67 25.93 22.38 -4.57
C ASN A 67 26.67 22.33 -5.89
N GLU A 68 27.65 21.43 -5.97
CA GLU A 68 28.52 21.34 -7.14
C GLU A 68 27.81 20.68 -8.31
N MET A 69 27.74 21.38 -9.43
CA MET A 69 27.18 20.88 -10.69
C MET A 69 28.32 20.71 -11.63
N SER A 70 28.79 19.48 -11.82
CA SER A 70 30.01 19.26 -12.57
C SER A 70 30.01 17.89 -13.21
N GLU A 71 30.84 17.70 -14.20
CA GLU A 71 31.01 16.39 -14.79
C GLU A 71 31.54 15.35 -13.80
N ARG A 72 32.50 15.70 -12.94
CA ARG A 72 32.98 14.73 -11.97
C ARG A 72 31.84 14.29 -11.04
N ALA A 73 31.03 15.25 -10.60
CA ALA A 73 29.90 14.91 -9.72
C ALA A 73 28.93 14.02 -10.44
N LEU A 74 28.70 14.26 -11.73
CA LEU A 74 27.80 13.40 -12.48
C LEU A 74 28.33 11.96 -12.53
N ARG A 75 29.62 11.76 -12.82
CA ARG A 75 30.25 10.44 -12.82
C ARG A 75 30.18 9.78 -11.42
N LEU A 76 30.31 10.59 -10.38
CA LEU A 76 30.21 10.08 -9.01
C LEU A 76 28.79 9.53 -8.76
N THR A 77 27.78 10.27 -9.19
CA THR A 77 26.41 9.73 -9.00
C THR A 77 26.21 8.41 -9.75
N GLY A 78 26.78 8.23 -10.92
CA GLY A 78 26.64 6.99 -11.64
C GLY A 78 27.35 5.85 -10.91
N ASP A 79 28.51 6.18 -10.30
CA ASP A 79 29.26 5.16 -9.56
C ASP A 79 28.44 4.69 -8.32
N ILE A 80 27.87 5.65 -7.60
CA ILE A 80 27.09 5.29 -6.42
C ILE A 80 25.86 4.50 -6.83
N ILE A 81 25.20 4.91 -7.89
CA ILE A 81 24.05 4.14 -8.42
C ILE A 81 24.42 2.71 -8.80
N SER A 82 25.63 2.52 -9.34
CA SER A 82 26.09 1.15 -9.66
C SER A 82 26.20 0.30 -8.39
N MET A 83 26.55 0.92 -7.27
CA MET A 83 26.66 0.18 -5.99
C MET A 83 25.34 0.02 -5.27
N ASN A 84 24.47 1.02 -5.38
CA ASN A 84 23.20 1.06 -4.64
C ASN A 84 22.17 1.89 -5.41
N PRO A 85 21.43 1.24 -6.30
CA PRO A 85 20.46 1.99 -7.10
C PRO A 85 19.24 2.40 -6.27
N ALA A 86 19.14 1.98 -5.03
CA ALA A 86 18.04 2.43 -4.16
C ALA A 86 18.44 3.62 -3.26
N HIS A 87 19.49 4.35 -3.65
CA HIS A 87 19.90 5.55 -2.89
C HIS A 87 19.11 6.70 -3.47
N TYR A 88 17.98 7.06 -2.87
CA TYR A 88 17.07 8.04 -3.52
C TYR A 88 17.75 9.40 -3.65
N THR A 89 18.56 9.78 -2.67
CA THR A 89 19.19 11.12 -2.72
C THR A 89 20.08 11.27 -3.98
N VAL A 90 20.86 10.23 -4.29
CA VAL A 90 21.84 10.42 -5.39
C VAL A 90 21.12 10.58 -6.73
N TRP A 91 19.94 9.95 -6.91
CA TRP A 91 19.21 10.14 -8.17
C TRP A 91 18.69 11.57 -8.30
N ILE A 92 18.16 12.11 -7.21
CA ILE A 92 17.67 13.48 -7.30
C ILE A 92 18.81 14.47 -7.59
N TYR A 93 19.96 14.25 -6.95
CA TYR A 93 21.11 15.12 -7.22
C TYR A 93 21.60 14.92 -8.68
N ARG A 94 21.61 13.68 -9.18
CA ARG A 94 21.96 13.44 -10.58
C ARG A 94 21.08 14.25 -11.52
N ALA A 95 19.74 14.23 -11.30
CA ALA A 95 18.91 14.96 -12.20
C ALA A 95 19.20 16.46 -12.17
N LYS A 96 19.47 16.99 -10.97
CA LYS A 96 19.86 18.42 -10.89
C LYS A 96 21.08 18.70 -11.76
N ILE A 97 22.09 17.83 -11.69
CA ILE A 97 23.31 18.07 -12.48
C ILE A 97 23.02 17.99 -13.97
N LEU A 98 22.25 17.01 -14.43
CA LEU A 98 21.96 16.86 -15.84
C LEU A 98 21.31 18.10 -16.39
N PHE A 99 20.32 18.65 -15.68
CA PHE A 99 19.69 19.86 -16.16
C PHE A 99 20.63 21.09 -16.07
N ALA A 100 21.37 21.22 -14.95
CA ALA A 100 22.26 22.39 -14.79
C ALA A 100 23.36 22.44 -15.86
N LEU A 101 23.85 21.29 -16.29
CA LEU A 101 24.93 21.27 -17.29
C LEU A 101 24.43 21.18 -18.72
N GLY A 102 23.11 21.13 -18.91
CA GLY A 102 22.57 20.98 -20.26
C GLY A 102 23.04 19.69 -20.89
N LYS A 103 23.09 18.59 -20.11
CA LYS A 103 23.54 17.33 -20.69
C LYS A 103 22.52 16.80 -21.73
N ASP A 104 23.01 15.96 -22.62
CA ASP A 104 22.16 15.34 -23.65
C ASP A 104 21.30 14.27 -22.95
N LEU A 105 19.99 14.50 -22.92
CA LEU A 105 19.14 13.55 -22.19
C LEU A 105 18.78 12.37 -23.03
N ASN A 106 18.97 12.39 -24.34
CA ASN A 106 18.87 11.15 -25.11
C ASN A 106 19.90 10.17 -24.64
N GLU A 107 21.12 10.66 -24.42
CA GLU A 107 22.18 9.78 -23.91
C GLU A 107 21.90 9.33 -22.47
N GLU A 108 21.32 10.20 -21.66
CA GLU A 108 20.92 9.80 -20.32
C GLU A 108 19.87 8.70 -20.38
N ILE A 109 18.88 8.80 -21.24
CA ILE A 109 17.90 7.72 -21.34
C ILE A 109 18.54 6.41 -21.77
N GLU A 110 19.48 6.44 -22.70
CA GLU A 110 20.20 5.22 -23.10
CA GLU A 110 20.09 5.18 -23.08
C GLU A 110 20.89 4.57 -21.90
N TRP A 111 21.52 5.40 -21.08
CA TRP A 111 22.17 4.89 -19.85
C TRP A 111 21.10 4.35 -18.85
N LEU A 112 20.03 5.11 -18.66
CA LEU A 112 18.98 4.71 -17.71
C LEU A 112 18.35 3.38 -18.13
N ASN A 113 18.19 3.16 -19.42
CA ASN A 113 17.61 1.90 -19.87
C ASN A 113 18.45 0.70 -19.39
N LYS A 114 19.76 0.84 -19.41
CA LYS A 114 20.63 -0.24 -18.93
C LYS A 114 20.48 -0.48 -17.43
N VAL A 115 20.36 0.60 -16.66
CA VAL A 115 20.13 0.46 -15.23
C VAL A 115 18.78 -0.22 -14.95
N ALA A 116 17.76 0.21 -15.71
CA ALA A 116 16.39 -0.30 -15.55
C ALA A 116 16.36 -1.82 -15.83
N LEU A 117 17.13 -2.25 -16.84
CA LEU A 117 17.19 -3.69 -17.24
C LEU A 117 17.92 -4.51 -16.19
N LYS A 118 18.74 -3.88 -15.35
CA LYS A 118 19.48 -4.62 -14.34
C LYS A 118 18.71 -4.74 -13.04
N HIS A 119 17.82 -3.80 -12.75
CA HIS A 119 17.20 -3.71 -11.42
C HIS A 119 15.70 -3.55 -11.52
N LEU A 120 15.19 -4.67 -12.02
N LEU A 120 15.02 -4.50 -10.83
CA LEU A 120 13.89 -4.72 -12.66
CA LEU A 120 13.55 -4.48 -10.69
C LEU A 120 12.85 -4.22 -11.70
C LEU A 120 12.97 -3.90 -9.36
N LYS A 121 13.14 -4.45 -10.42
N LYS A 121 11.68 -3.58 -9.36
CA LYS A 121 12.24 -4.11 -9.33
CA LYS A 121 11.01 -2.93 -8.23
C LYS A 121 12.50 -2.72 -8.74
C LYS A 121 11.74 -1.78 -7.58
N ASN A 122 13.49 -1.99 -9.26
N ASN A 122 11.82 -0.70 -8.32
CA ASN A 122 13.83 -0.72 -8.65
CA ASN A 122 12.63 0.43 -7.88
C ASN A 122 12.87 0.35 -9.14
C ASN A 122 11.89 1.70 -8.21
N TYR A 123 12.40 1.17 -8.23
N TYR A 123 11.58 2.47 -7.18
CA TYR A 123 11.46 2.21 -8.65
CA TYR A 123 10.90 3.76 -7.40
C TYR A 123 12.06 3.59 -8.82
C TYR A 123 11.74 4.80 -8.12
N GLN A 124 13.15 3.87 -8.11
N GLN A 124 13.06 4.80 -7.89
CA GLN A 124 13.83 5.18 -8.14
CA GLN A 124 13.90 5.90 -8.31
C GLN A 124 14.11 5.66 -9.56
C GLN A 124 14.09 5.83 -9.80
N ILE A 125 14.34 4.63 -10.35
CA ILE A 125 14.69 4.59 -11.76
C ILE A 125 13.52 5.08 -12.64
N TRP A 126 12.30 4.77 -12.21
CA TRP A 126 11.12 5.12 -12.98
C TRP A 126 10.62 6.51 -12.69
N HIS A 127 10.84 7.01 -11.47
CA HIS A 127 10.65 8.42 -11.20
C HIS A 127 11.66 9.27 -12.02
N HIS A 128 12.93 8.85 -12.06
CA HIS A 128 13.96 9.60 -12.79
C HIS A 128 13.58 9.66 -14.25
N ARG A 129 13.05 8.57 -14.81
CA ARG A 129 12.64 8.56 -16.22
C ARG A 129 11.57 9.63 -16.46
N GLN A 130 10.61 9.73 -15.56
CA GLN A 130 9.53 10.72 -15.70
C GLN A 130 10.09 12.17 -15.57
N VAL A 131 11.05 12.36 -14.68
CA VAL A 131 11.70 13.69 -14.52
C VAL A 131 12.36 14.08 -15.85
N LEU A 132 13.08 13.17 -16.48
CA LEU A 132 13.76 13.49 -17.72
C LEU A 132 12.79 13.67 -18.86
N MET A 133 11.86 12.72 -19.02
CA MET A 133 10.99 12.71 -20.18
C MET A 133 9.96 13.85 -20.16
N SER A 134 9.73 14.41 -18.99
CA SER A 134 8.80 15.53 -18.87
C SER A 134 9.38 16.82 -19.47
N SER A 135 10.68 16.84 -19.81
CA SER A 135 11.24 18.09 -20.33
C SER A 135 10.91 18.23 -21.80
N ARG A 136 9.97 19.13 -22.13
CA ARG A 136 9.51 19.26 -23.51
C ARG A 136 10.60 19.84 -24.45
N ALA A 137 11.54 20.57 -23.85
CA ALA A 137 12.66 21.14 -24.62
C ALA A 137 13.51 19.98 -25.16
N HIS A 138 13.58 18.86 -24.43
CA HIS A 138 14.41 17.75 -24.85
C HIS A 138 13.63 16.65 -25.58
N PHE A 139 12.38 16.44 -25.16
CA PHE A 139 11.53 15.40 -25.71
C PHE A 139 10.20 15.99 -26.12
N PRO A 140 10.19 16.69 -27.27
CA PRO A 140 8.94 17.39 -27.59
C PRO A 140 7.82 16.44 -27.97
N THR A 141 8.21 15.26 -28.45
CA THR A 141 7.21 14.25 -28.82
C THR A 141 7.71 12.91 -28.32
N LEU A 142 6.80 11.93 -28.37
CA LEU A 142 7.12 10.58 -27.91
C LEU A 142 8.36 10.07 -28.67
N PRO A 143 9.41 9.66 -27.95
CA PRO A 143 10.58 9.13 -28.67
C PRO A 143 10.22 7.83 -29.40
N PRO A 144 10.86 7.57 -30.54
CA PRO A 144 10.45 6.50 -31.41
C PRO A 144 10.62 5.10 -30.90
N ARG A 145 11.41 4.87 -29.85
CA ARG A 145 11.54 3.49 -29.36
C ARG A 145 11.22 3.45 -27.87
N GLU A 146 10.54 4.45 -27.39
CA GLU A 146 10.17 4.49 -25.95
C GLU A 146 9.15 3.38 -25.67
N GLN A 147 8.08 3.23 -26.45
CA GLN A 147 7.07 2.15 -26.18
C GLN A 147 7.74 0.78 -26.26
N ASP A 148 8.67 0.58 -27.19
CA ASP A 148 9.35 -0.71 -27.26
C ASP A 148 10.18 -0.99 -26.01
N PHE A 149 10.82 0.03 -25.45
CA PHE A 149 11.57 -0.19 -24.23
C PHE A 149 10.61 -0.64 -23.12
N LEU A 150 9.44 0.00 -22.99
CA LEU A 150 8.52 -0.41 -21.94
C LEU A 150 8.11 -1.87 -22.20
N MET A 151 7.94 -2.30 -23.46
CA MET A 151 7.63 -3.70 -23.71
C MET A 151 8.79 -4.65 -23.41
N GLU A 152 10.04 -4.19 -23.49
CA GLU A 152 11.14 -5.02 -23.02
CA GLU A 152 11.18 -4.98 -23.01
C GLU A 152 11.03 -5.25 -21.52
N MET A 153 10.56 -4.23 -20.78
CA MET A 153 10.38 -4.42 -19.32
C MET A 153 9.23 -5.38 -19.09
N PHE A 154 8.11 -5.17 -19.77
CA PHE A 154 6.96 -6.05 -19.52
C PHE A 154 7.16 -7.48 -19.95
N ALA A 155 8.10 -7.72 -20.87
CA ALA A 155 8.43 -9.12 -21.24
C ALA A 155 9.10 -9.81 -20.06
N GLN A 156 9.75 -9.06 -19.17
CA GLN A 156 10.38 -9.69 -18.02
C GLN A 156 9.42 -9.73 -16.82
N ASP A 157 8.58 -8.70 -16.63
CA ASP A 157 7.55 -8.75 -15.54
C ASP A 157 6.37 -7.98 -16.09
N ALA A 158 5.35 -8.71 -16.55
CA ALA A 158 4.22 -8.04 -17.22
C ALA A 158 3.35 -7.23 -16.29
N LYS A 159 3.56 -7.34 -14.97
CA LYS A 159 2.74 -6.66 -13.99
C LYS A 159 3.53 -5.64 -13.19
N SER A 160 4.69 -5.21 -13.70
CA SER A 160 5.56 -4.30 -12.97
CA SER A 160 5.60 -4.29 -13.01
C SER A 160 4.87 -2.98 -12.69
N TYR A 161 4.57 -2.74 -11.43
CA TYR A 161 3.70 -1.61 -11.09
C TYR A 161 4.34 -0.30 -11.45
N HIS A 162 5.66 -0.15 -11.23
CA HIS A 162 6.26 1.16 -11.48
C HIS A 162 6.35 1.44 -12.97
N VAL A 163 6.51 0.40 -13.79
CA VAL A 163 6.56 0.63 -15.22
C VAL A 163 5.16 0.95 -15.71
N TRP A 164 4.09 0.29 -15.25
CA TRP A 164 2.76 0.72 -15.63
C TRP A 164 2.46 2.13 -15.17
N THR A 165 2.85 2.52 -13.96
CA THR A 165 2.63 3.89 -13.51
C THR A 165 3.33 4.87 -14.45
N TYR A 166 4.57 4.55 -14.83
CA TYR A 166 5.26 5.44 -15.79
C TYR A 166 4.47 5.47 -17.10
N ARG A 167 3.99 4.34 -17.58
CA ARG A 167 3.30 4.36 -18.88
C ARG A 167 1.99 5.17 -18.79
N HIS A 168 1.30 5.17 -17.62
CA HIS A 168 0.12 6.03 -17.51
C HIS A 168 0.56 7.50 -17.63
N TRP A 169 1.65 7.88 -16.96
CA TRP A 169 2.13 9.26 -17.05
C TRP A 169 2.47 9.58 -18.52
N LEU A 170 3.14 8.64 -19.21
CA LEU A 170 3.57 8.88 -20.59
C LEU A 170 2.36 9.13 -21.47
N VAL A 171 1.31 8.34 -21.30
CA VAL A 171 0.10 8.53 -22.09
C VAL A 171 -0.53 9.90 -21.84
N ARG A 172 -0.62 10.34 -20.61
CA ARG A 172 -1.19 11.65 -20.36
C ARG A 172 -0.30 12.74 -20.92
N HIS A 173 1.02 12.60 -20.75
CA HIS A 173 1.95 13.66 -21.13
C HIS A 173 1.98 13.88 -22.63
N PHE A 174 2.07 12.82 -23.40
CA PHE A 174 2.14 12.92 -24.89
C PHE A 174 0.77 12.74 -25.56
N LYS A 175 -0.27 12.64 -24.74
CA LYS A 175 -1.68 12.57 -25.21
C LYS A 175 -1.86 11.33 -26.13
N LEU A 176 -1.55 10.17 -25.57
CA LEU A 176 -1.48 8.92 -26.31
C LEU A 176 -2.72 8.03 -26.17
N TRP A 177 -3.84 8.55 -25.64
CA TRP A 177 -5.00 7.67 -25.34
C TRP A 177 -5.44 6.95 -26.60
N ASP A 178 -5.36 7.61 -27.77
CA ASP A 178 -5.82 6.99 -29.03
C ASP A 178 -4.67 6.52 -29.90
N HIS A 179 -3.46 6.52 -29.31
CA HIS A 179 -2.27 6.05 -30.10
C HIS A 179 -2.37 4.54 -30.27
N PRO A 180 -2.20 3.98 -31.47
CA PRO A 180 -2.55 2.57 -31.66
C PRO A 180 -1.59 1.65 -30.95
N ARG A 181 -0.35 2.09 -30.66
CA ARG A 181 0.56 1.15 -29.91
C ARG A 181 0.11 0.97 -28.47
N GLU A 182 -0.63 1.94 -27.92
CA GLU A 182 -1.06 1.75 -26.52
C GLU A 182 -2.07 0.63 -26.46
N ILE A 183 -3.09 0.65 -27.29
CA ILE A 183 -4.04 -0.46 -27.32
C ILE A 183 -3.40 -1.74 -27.82
N GLN A 184 -2.54 -1.66 -28.84
CA GLN A 184 -1.94 -2.88 -29.36
C GLN A 184 -1.07 -3.54 -28.29
N ASP A 185 -0.31 -2.75 -27.52
CA ASP A 185 0.55 -3.36 -26.50
C ASP A 185 -0.30 -3.97 -25.36
N VAL A 186 -1.39 -3.29 -24.98
CA VAL A 186 -2.30 -3.92 -24.01
C VAL A 186 -2.85 -5.22 -24.56
N GLU A 187 -3.26 -5.24 -25.84
CA GLU A 187 -3.82 -6.47 -26.42
C GLU A 187 -2.78 -7.58 -26.54
N ALA A 188 -1.52 -7.24 -26.83
CA ALA A 188 -0.50 -8.27 -26.87
C ALA A 188 -0.30 -8.87 -25.48
N LEU A 189 -0.31 -8.02 -24.43
CA LEU A 189 -0.12 -8.52 -23.05
C LEU A 189 -1.34 -9.35 -22.69
N LEU A 190 -2.53 -8.96 -23.12
CA LEU A 190 -3.73 -9.76 -22.75
C LEU A 190 -3.84 -11.04 -23.58
N LYS A 191 -3.26 -11.06 -24.78
CA LYS A 191 -3.18 -12.33 -25.51
C LYS A 191 -2.22 -13.29 -24.75
N ALA A 192 -1.08 -12.78 -24.28
CA ALA A 192 -0.12 -13.63 -23.57
C ALA A 192 -0.73 -14.08 -22.24
N ASP A 193 -1.43 -13.19 -21.55
CA ASP A 193 -2.02 -13.59 -20.23
C ASP A 193 -3.27 -12.74 -20.03
N VAL A 194 -4.44 -13.30 -20.36
CA VAL A 194 -5.70 -12.58 -20.26
C VAL A 194 -6.01 -12.18 -18.80
N ARG A 195 -5.29 -12.77 -17.86
CA ARG A 195 -5.48 -12.42 -16.44
C ARG A 195 -4.60 -11.29 -15.95
N ASN A 196 -3.91 -10.61 -16.89
CA ASN A 196 -3.04 -9.49 -16.47
C ASN A 196 -3.84 -8.25 -16.14
N ASN A 197 -4.14 -8.11 -14.83
CA ASN A 197 -4.97 -7.00 -14.43
C ASN A 197 -4.33 -5.66 -14.68
N SER A 198 -3.00 -5.60 -14.69
CA SER A 198 -2.34 -4.29 -14.96
C SER A 198 -2.67 -3.82 -16.38
N ALA A 199 -2.74 -4.77 -17.31
CA ALA A 199 -3.09 -4.42 -18.69
C ALA A 199 -4.57 -3.96 -18.81
N TRP A 200 -5.46 -4.66 -18.09
CA TRP A 200 -6.86 -4.22 -18.05
C TRP A 200 -6.98 -2.82 -17.47
N ASN A 201 -6.21 -2.52 -16.41
CA ASN A 201 -6.29 -1.20 -15.81
C ASN A 201 -5.84 -0.11 -16.79
N HIS A 202 -4.76 -0.40 -17.51
CA HIS A 202 -4.28 0.59 -18.51
C HIS A 202 -5.30 0.69 -19.61
N ARG A 203 -5.98 -0.39 -19.99
CA ARG A 203 -7.04 -0.32 -21.04
C ARG A 203 -8.13 0.65 -20.59
N TYR A 204 -8.52 0.56 -19.32
CA TYR A 204 -9.57 1.46 -18.85
C TYR A 204 -9.10 2.94 -18.99
N MET A 205 -7.86 3.23 -18.62
CA MET A 205 -7.38 4.58 -18.81
C MET A 205 -7.45 5.02 -20.27
N LEU A 206 -7.02 4.14 -21.18
CA LEU A 206 -6.99 4.54 -22.61
C LEU A 206 -8.38 4.81 -23.07
N ARG A 207 -9.35 4.00 -22.66
CA ARG A 207 -10.70 4.11 -23.24
C ARG A 207 -11.64 5.06 -22.50
N PHE A 208 -11.50 5.11 -21.17
CA PHE A 208 -12.50 5.75 -20.32
C PHE A 208 -11.88 6.72 -19.37
N GLY A 209 -10.55 6.81 -19.33
CA GLY A 209 -9.95 7.74 -18.38
C GLY A 209 -10.10 9.20 -18.75
N PRO A 210 -10.17 10.10 -17.75
CA PRO A 210 -10.36 11.53 -18.10
C PRO A 210 -9.15 12.10 -18.84
N ARG A 211 -9.40 13.00 -19.77
CA ARG A 211 -8.34 13.52 -20.60
C ARG A 211 -8.22 15.04 -20.53
N ASP A 212 -9.09 15.71 -19.79
CA ASP A 212 -9.12 17.17 -19.83
C ASP A 212 -7.83 17.72 -19.22
N GLU A 213 -7.03 18.44 -20.01
CA GLU A 213 -5.73 18.85 -19.48
C GLU A 213 -5.86 19.98 -18.46
N ASN A 214 -7.04 20.59 -18.39
CA ASN A 214 -7.31 21.64 -17.43
C ASN A 214 -7.83 21.13 -16.08
N GLU A 215 -7.91 19.82 -15.91
CA GLU A 215 -8.30 19.26 -14.62
C GLU A 215 -7.11 18.45 -14.08
N PHE A 216 -7.02 18.29 -12.77
CA PHE A 216 -6.03 17.40 -12.19
C PHE A 216 -6.32 15.97 -12.65
N ASP A 217 -5.28 15.17 -12.76
CA ASP A 217 -5.48 13.77 -13.20
C ASP A 217 -6.33 12.99 -12.18
N ALA A 218 -7.09 12.02 -12.67
CA ALA A 218 -7.93 11.22 -11.83
C ALA A 218 -8.01 9.83 -12.47
N GLY A 219 -8.28 8.78 -11.69
CA GLY A 219 -8.53 7.47 -12.28
C GLY A 219 -9.93 7.38 -12.91
N LEU A 220 -10.84 8.21 -12.45
CA LEU A 220 -12.25 8.16 -12.88
C LEU A 220 -12.77 9.55 -13.15
N HIS A 221 -13.70 9.64 -14.10
CA HIS A 221 -14.45 10.87 -14.27
C HIS A 221 -15.32 11.15 -13.07
N ASN A 222 -15.73 12.41 -12.98
CA ASN A 222 -16.82 12.80 -12.09
C ASN A 222 -16.45 12.64 -10.62
N THR A 223 -15.21 12.90 -10.25
CA THR A 223 -14.85 12.90 -8.85
C THR A 223 -15.37 14.17 -8.13
N THR A 224 -15.91 15.15 -8.85
CA THR A 224 -16.55 16.27 -8.12
C THR A 224 -18.00 15.94 -7.75
N GLY A 225 -18.50 14.83 -8.29
CA GLY A 225 -19.89 14.43 -8.07
C GLY A 225 -20.02 13.61 -6.79
N PRO A 226 -21.23 13.13 -6.51
CA PRO A 226 -21.47 12.27 -5.34
C PRO A 226 -20.64 11.00 -5.57
N SER A 227 -20.11 10.40 -4.52
CA SER A 227 -19.24 9.26 -4.73
C SER A 227 -19.94 8.04 -5.42
N SER A 228 -21.25 7.82 -5.25
CA SER A 228 -21.92 6.76 -5.99
C SER A 228 -21.87 6.95 -7.50
N GLU A 229 -21.65 8.17 -7.95
CA GLU A 229 -21.62 8.44 -9.38
CA GLU A 229 -21.62 8.45 -9.37
C GLU A 229 -20.19 8.59 -9.91
N LYS A 230 -19.20 8.20 -9.10
CA LYS A 230 -17.81 8.35 -9.53
C LYS A 230 -17.60 7.44 -10.73
N GLY A 231 -16.99 7.98 -11.79
CA GLY A 231 -16.75 7.25 -13.01
C GLY A 231 -17.68 7.66 -14.16
N ARG A 232 -18.86 8.21 -13.86
CA ARG A 232 -19.80 8.58 -14.92
C ARG A 232 -19.22 9.56 -15.93
N LEU A 233 -19.28 9.20 -17.21
CA LEU A 233 -18.78 10.06 -18.29
C LEU A 233 -19.77 11.20 -18.51
N PRO A 234 -19.26 12.42 -18.78
CA PRO A 234 -20.12 13.55 -19.14
C PRO A 234 -20.82 13.30 -20.48
N VAL A 235 -20.14 12.62 -21.39
CA VAL A 235 -20.69 12.39 -22.74
C VAL A 235 -20.26 10.97 -23.05
N VAL A 236 -21.20 10.14 -23.48
CA VAL A 236 -20.94 8.71 -23.70
C VAL A 236 -20.88 8.45 -25.21
N ASP A 237 -19.81 7.81 -25.67
CA ASP A 237 -19.74 7.33 -27.05
C ASP A 237 -20.32 5.91 -27.03
N GLU A 238 -21.56 5.77 -27.46
CA GLU A 238 -22.28 4.50 -27.23
C GLU A 238 -21.65 3.35 -28.02
N ASP A 239 -21.12 3.62 -29.21
CA ASP A 239 -20.57 2.55 -30.03
C ASP A 239 -19.26 2.04 -29.47
N LEU A 240 -18.47 2.95 -28.90
CA LEU A 240 -17.27 2.56 -28.14
C LEU A 240 -17.64 1.70 -26.94
N VAL A 241 -18.65 2.13 -26.18
CA VAL A 241 -19.09 1.33 -25.06
C VAL A 241 -19.49 -0.08 -25.55
N ASP A 242 -20.32 -0.16 -26.60
CA ASP A 242 -20.69 -1.49 -27.08
C ASP A 242 -19.48 -2.35 -27.49
N SER A 243 -18.52 -1.74 -28.19
CA SER A 243 -17.31 -2.43 -28.63
C SER A 243 -16.50 -2.95 -27.42
N GLU A 244 -16.37 -2.13 -26.39
CA GLU A 244 -15.59 -2.55 -25.23
C GLU A 244 -16.28 -3.65 -24.42
N LEU A 245 -17.60 -3.57 -24.38
CA LEU A 245 -18.35 -4.67 -23.74
C LEU A 245 -18.24 -5.97 -24.53
N GLN A 246 -18.31 -5.87 -25.86
CA GLN A 246 -18.16 -7.09 -26.64
C GLN A 246 -16.77 -7.68 -26.47
N TYR A 247 -15.75 -6.82 -26.44
CA TYR A 247 -14.38 -7.28 -26.23
C TYR A 247 -14.27 -8.03 -24.88
N SER A 248 -14.84 -7.43 -23.87
CA SER A 248 -14.83 -8.03 -22.52
C SER A 248 -15.51 -9.41 -22.52
N GLN A 249 -16.69 -9.54 -23.17
CA GLN A 249 -17.35 -10.83 -23.22
C GLN A 249 -16.45 -11.84 -23.91
N SER A 250 -15.81 -11.45 -25.01
CA SER A 250 -14.96 -12.41 -25.74
C SER A 250 -13.79 -12.88 -24.89
N ARG A 251 -13.21 -11.98 -24.10
CA ARG A 251 -12.14 -12.40 -23.22
C ARG A 251 -12.63 -13.29 -22.08
N ILE A 252 -13.80 -12.95 -21.51
CA ILE A 252 -14.40 -13.77 -20.43
C ILE A 252 -14.59 -15.22 -20.92
N LEU A 253 -15.04 -15.39 -22.16
CA LEU A 253 -15.32 -16.75 -22.64
C LEU A 253 -14.02 -17.60 -22.73
N GLU A 254 -12.87 -16.98 -22.83
CA GLU A 254 -11.61 -17.73 -22.82
C GLU A 254 -11.25 -18.27 -21.46
N ALA A 255 -11.80 -17.65 -20.38
CA ALA A 255 -11.39 -18.00 -18.99
C ALA A 255 -12.38 -17.36 -18.06
N PRO A 256 -13.55 -17.99 -17.90
CA PRO A 256 -14.64 -17.27 -17.22
C PRO A 256 -14.39 -16.98 -15.74
N GLU A 257 -13.48 -17.69 -15.07
CA GLU A 257 -13.23 -17.38 -13.65
C GLU A 257 -12.23 -16.21 -13.48
N ASN A 258 -11.77 -15.61 -14.58
CA ASN A 258 -10.81 -14.49 -14.49
C ASN A 258 -11.54 -13.21 -14.06
N ARG A 259 -11.26 -12.69 -12.88
CA ARG A 259 -11.99 -11.53 -12.39
CA ARG A 259 -11.98 -11.52 -12.37
C ARG A 259 -11.82 -10.29 -13.26
N SER A 260 -10.62 -10.11 -13.83
CA SER A 260 -10.26 -8.80 -14.44
C SER A 260 -11.26 -8.26 -15.47
N PRO A 261 -11.66 -9.07 -16.48
CA PRO A 261 -12.62 -8.54 -17.48
C PRO A 261 -14.01 -8.30 -16.89
N TRP A 262 -14.41 -9.05 -15.87
CA TRP A 262 -15.71 -8.79 -15.23
C TRP A 262 -15.65 -7.44 -14.54
N SER A 263 -14.55 -7.16 -13.83
CA SER A 263 -14.41 -5.87 -13.16
C SER A 263 -14.32 -4.75 -14.20
N TYR A 264 -13.61 -4.99 -15.30
CA TYR A 264 -13.52 -3.96 -16.35
C TYR A 264 -14.92 -3.67 -16.89
N ALA A 265 -15.71 -4.70 -17.15
CA ALA A 265 -17.07 -4.47 -17.67
C ALA A 265 -17.96 -3.71 -16.70
N ARG A 266 -17.85 -4.03 -15.41
CA ARG A 266 -18.57 -3.21 -14.42
C ARG A 266 -18.14 -1.75 -14.55
N GLY A 267 -16.85 -1.51 -14.69
CA GLY A 267 -16.39 -0.14 -14.82
C GLY A 267 -16.91 0.51 -16.09
N VAL A 268 -16.95 -0.22 -17.19
CA VAL A 268 -17.49 0.35 -18.43
C VAL A 268 -18.96 0.71 -18.29
N LEU A 269 -19.74 -0.20 -17.68
CA LEU A 269 -21.19 0.08 -17.51
C LEU A 269 -21.39 1.29 -16.59
N GLN A 270 -20.62 1.38 -15.50
CA GLN A 270 -20.71 2.58 -14.65
C GLN A 270 -20.37 3.85 -15.42
N ALA A 271 -19.29 3.80 -16.19
CA ALA A 271 -18.89 4.99 -16.96
C ALA A 271 -20.01 5.41 -17.91
N ALA A 272 -20.62 4.42 -18.55
CA ALA A 272 -21.65 4.69 -19.56
C ALA A 272 -23.05 5.00 -18.98
N GLY A 273 -23.24 4.78 -17.67
CA GLY A 273 -24.58 5.01 -17.13
C GLY A 273 -25.56 3.92 -17.50
N ARG A 274 -25.00 2.74 -17.74
CA ARG A 274 -25.82 1.60 -18.12
C ARG A 274 -25.93 0.59 -16.97
N PRO A 275 -27.04 -0.14 -16.94
CA PRO A 275 -27.26 -1.05 -15.81
C PRO A 275 -26.57 -2.40 -15.96
N LEU A 276 -26.23 -3.06 -14.85
CA LEU A 276 -25.69 -4.44 -14.90
C LEU A 276 -26.64 -5.39 -15.64
N SER A 277 -27.93 -5.09 -15.66
CA SER A 277 -28.86 -5.99 -16.32
C SER A 277 -28.62 -6.14 -17.84
N GLU A 278 -27.86 -5.22 -18.46
CA GLU A 278 -27.44 -5.45 -19.84
C GLU A 278 -26.77 -6.78 -20.04
N TRP A 279 -26.13 -7.31 -18.99
CA TRP A 279 -25.45 -8.59 -19.09
C TRP A 279 -26.15 -9.74 -18.37
N LYS A 280 -27.46 -9.60 -18.12
CA LYS A 280 -28.14 -10.62 -17.34
C LYS A 280 -28.07 -11.98 -18.04
N ASP A 281 -28.34 -12.01 -19.33
CA ASP A 281 -28.39 -13.29 -20.02
C ASP A 281 -26.97 -13.83 -20.17
N PHE A 282 -26.01 -12.97 -20.45
CA PHE A 282 -24.62 -13.42 -20.55
C PHE A 282 -24.21 -14.06 -19.20
N ALA A 283 -24.49 -13.40 -18.08
CA ALA A 283 -24.12 -13.93 -16.77
C ALA A 283 -24.84 -15.27 -16.53
N ARG A 284 -26.13 -15.34 -16.85
CA ARG A 284 -26.85 -16.61 -16.67
C ARG A 284 -26.24 -17.75 -17.47
N SER A 285 -25.61 -17.44 -18.62
CA SER A 285 -25.04 -18.52 -19.44
C SER A 285 -23.94 -19.33 -18.72
N PHE A 286 -23.38 -18.80 -17.62
CA PHE A 286 -22.33 -19.48 -16.88
C PHE A 286 -22.89 -20.22 -15.67
N VAL A 287 -24.21 -20.18 -15.50
CA VAL A 287 -24.82 -20.70 -14.28
C VAL A 287 -25.99 -21.52 -14.72
N ALA A 300 -24.61 -26.00 -12.18
CA ALA A 300 -23.35 -26.11 -12.94
C ALA A 300 -22.71 -24.76 -13.21
N VAL A 301 -21.65 -24.42 -12.49
CA VAL A 301 -21.21 -23.02 -12.53
C VAL A 301 -19.81 -22.87 -13.07
N LYS A 302 -19.66 -22.04 -14.09
CA LYS A 302 -18.35 -21.86 -14.68
C LYS A 302 -17.68 -20.58 -14.23
N SER A 303 -18.41 -19.72 -13.54
CA SER A 303 -17.83 -18.44 -13.08
C SER A 303 -18.48 -17.91 -11.81
N SER A 304 -17.70 -17.74 -10.73
CA SER A 304 -18.24 -17.10 -9.53
C SER A 304 -18.62 -15.64 -9.79
N HIS A 305 -17.90 -15.01 -10.74
CA HIS A 305 -18.22 -13.64 -11.09
C HIS A 305 -19.59 -13.49 -11.70
N ALA A 306 -20.01 -14.51 -12.44
CA ALA A 306 -21.36 -14.53 -13.02
C ALA A 306 -22.41 -14.60 -11.93
N ILE A 307 -22.14 -15.36 -10.87
CA ILE A 307 -23.09 -15.45 -9.76
C ILE A 307 -23.17 -14.10 -9.05
N GLU A 308 -22.01 -13.43 -8.81
CA GLU A 308 -22.06 -12.13 -8.14
C GLU A 308 -22.75 -11.09 -9.00
N TRP A 309 -22.54 -11.18 -10.31
CA TRP A 309 -23.21 -10.27 -11.24
C TRP A 309 -24.73 -10.43 -11.13
N LEU A 310 -25.18 -11.69 -11.14
CA LEU A 310 -26.62 -11.96 -11.00
C LEU A 310 -27.17 -11.46 -9.65
N ALA A 311 -26.40 -11.60 -8.56
CA ALA A 311 -26.89 -11.16 -7.28
C ALA A 311 -27.16 -9.67 -7.37
N ASP A 312 -26.24 -8.93 -7.98
CA ASP A 312 -26.42 -7.48 -8.10
C ASP A 312 -27.58 -7.09 -9.02
N VAL A 313 -27.71 -7.78 -10.16
CA VAL A 313 -28.84 -7.51 -11.05
C VAL A 313 -30.17 -7.70 -10.31
N TYR A 314 -30.31 -8.80 -9.58
CA TYR A 314 -31.60 -9.09 -8.93
C TYR A 314 -31.83 -8.17 -7.74
N ALA A 315 -30.74 -7.79 -7.06
CA ALA A 315 -30.84 -6.93 -5.88
C ALA A 315 -31.16 -5.47 -6.23
N GLU A 316 -30.56 -4.99 -7.30
CA GLU A 316 -30.34 -3.53 -7.36
C GLU A 316 -31.04 -2.94 -8.54
N GLU A 317 -31.35 -3.78 -9.51
CA GLU A 317 -31.92 -3.26 -10.75
C GLU A 317 -33.25 -3.90 -11.09
N ASP A 318 -33.59 -4.94 -10.34
CA ASP A 318 -34.87 -5.58 -10.48
C ASP A 318 -35.73 -5.13 -9.29
N GLY A 319 -36.90 -4.57 -9.57
CA GLY A 319 -37.79 -4.12 -8.51
C GLY A 319 -39.02 -5.00 -8.44
N SER A 320 -38.84 -6.27 -8.77
CA SER A 320 -39.98 -7.17 -8.84
C SER A 320 -40.02 -8.30 -7.80
N GLU A 321 -41.23 -8.85 -7.65
CA GLU A 321 -41.46 -10.28 -7.85
C GLU A 321 -40.40 -11.33 -7.45
N GLY A 322 -39.95 -11.36 -6.19
CA GLY A 322 -39.07 -12.47 -5.84
C GLY A 322 -37.63 -12.26 -6.31
N SER A 323 -37.34 -11.07 -6.81
CA SER A 323 -35.98 -10.77 -7.26
CA SER A 323 -35.97 -10.80 -7.25
C SER A 323 -35.04 -10.73 -6.05
N ALA A 324 -35.52 -10.18 -4.93
CA ALA A 324 -34.74 -10.16 -3.69
C ALA A 324 -34.35 -11.58 -3.25
N ALA A 325 -35.30 -12.52 -3.30
CA ALA A 325 -35.02 -13.89 -2.92
C ALA A 325 -33.96 -14.52 -3.84
N GLU A 326 -34.09 -14.24 -5.13
CA GLU A 326 -33.13 -14.80 -6.08
C GLU A 326 -31.72 -14.24 -5.83
N ALA A 327 -31.61 -12.95 -5.47
CA ALA A 327 -30.32 -12.36 -5.12
C ALA A 327 -29.76 -13.10 -3.93
N VAL A 328 -30.60 -13.34 -2.92
CA VAL A 328 -30.15 -14.06 -1.75
C VAL A 328 -29.69 -15.48 -2.08
N LYS A 329 -30.41 -16.14 -2.99
CA LYS A 329 -29.95 -17.45 -3.42
C LYS A 329 -28.53 -17.40 -4.06
N MET A 330 -28.29 -16.41 -4.95
CA MET A 330 -26.97 -16.30 -5.59
C MET A 330 -25.91 -16.10 -4.51
N LEU A 331 -26.21 -15.24 -3.51
CA LEU A 331 -25.21 -14.95 -2.48
C LEU A 331 -24.95 -16.18 -1.60
N THR A 332 -26.01 -16.99 -1.40
CA THR A 332 -25.88 -18.24 -0.69
C THR A 332 -24.97 -19.24 -1.44
N LEU A 333 -25.12 -19.32 -2.77
CA LEU A 333 -24.19 -20.14 -3.53
C LEU A 333 -22.73 -19.68 -3.33
N LEU A 334 -22.50 -18.36 -3.33
CA LEU A 334 -21.15 -17.83 -3.11
C LEU A 334 -20.65 -18.19 -1.72
N LYS A 335 -21.47 -18.00 -0.69
CA LYS A 335 -20.98 -18.19 0.64
C LYS A 335 -20.76 -19.66 0.98
N GLU A 336 -21.54 -20.55 0.35
CA GLU A 336 -21.44 -21.96 0.69
C GLU A 336 -20.49 -22.74 -0.18
N LYS A 337 -20.35 -22.33 -1.43
CA LYS A 337 -19.63 -23.16 -2.41
C LYS A 337 -18.59 -22.40 -3.22
N TYR A 338 -18.99 -21.28 -3.83
CA TYR A 338 -18.17 -20.78 -4.95
C TYR A 338 -17.17 -19.67 -4.55
N ASP A 339 -17.35 -19.00 -3.40
CA ASP A 339 -16.32 -18.06 -2.86
C ASP A 339 -16.50 -17.96 -1.34
N PRO A 340 -16.33 -19.09 -0.64
CA PRO A 340 -16.74 -19.11 0.78
C PRO A 340 -15.86 -18.30 1.71
N ILE A 341 -14.60 -17.99 1.34
CA ILE A 341 -13.81 -17.19 2.29
C ILE A 341 -14.41 -15.79 2.48
N ARG A 342 -15.24 -15.35 1.51
CA ARG A 342 -15.81 -14.00 1.59
C ARG A 342 -17.24 -14.05 2.19
N ARG A 343 -17.56 -15.16 2.89
CA ARG A 343 -18.87 -15.36 3.49
CA ARG A 343 -18.89 -15.36 3.46
C ARG A 343 -19.42 -14.14 4.24
N ASN A 344 -18.55 -13.44 5.00
CA ASN A 344 -19.08 -12.35 5.84
C ASN A 344 -19.51 -11.16 4.98
N TYR A 345 -18.82 -10.97 3.84
CA TYR A 345 -19.27 -9.94 2.92
C TYR A 345 -20.55 -10.37 2.17
N TRP A 346 -20.61 -11.62 1.74
CA TRP A 346 -21.88 -12.08 1.12
C TRP A 346 -23.03 -11.98 2.13
N GLU A 347 -22.80 -12.27 3.40
CA GLU A 347 -23.89 -12.21 4.38
CA GLU A 347 -23.87 -12.19 4.39
C GLU A 347 -24.27 -10.76 4.64
N TYR A 348 -23.29 -9.85 4.60
CA TYR A 348 -23.59 -8.40 4.71
C TYR A 348 -24.51 -7.97 3.53
N ARG A 349 -24.22 -8.45 2.32
CA ARG A 349 -25.07 -8.15 1.17
C ARG A 349 -26.45 -8.74 1.37
N ILE A 350 -26.54 -9.98 1.84
CA ILE A 350 -27.86 -10.59 2.16
C ILE A 350 -28.62 -9.72 3.17
N ARG A 351 -27.94 -9.22 4.19
CA ARG A 351 -28.62 -8.38 5.21
CA ARG A 351 -28.66 -8.41 5.18
C ARG A 351 -29.13 -7.08 4.57
N GLN A 352 -28.33 -6.51 3.66
CA GLN A 352 -28.72 -5.25 3.01
C GLN A 352 -29.94 -5.47 2.13
N ILE A 353 -29.94 -6.57 1.38
CA ILE A 353 -31.03 -6.89 0.47
C ILE A 353 -32.31 -7.22 1.26
N THR A 354 -32.16 -7.95 2.35
CA THR A 354 -33.27 -8.30 3.21
C THR A 354 -33.88 -7.04 3.87
N ALA A 355 -33.02 -6.10 4.30
CA ALA A 355 -33.52 -4.84 4.86
C ALA A 355 -34.22 -4.04 3.80
N SER A 356 -33.63 -3.99 2.61
CA SER A 356 -34.22 -3.21 1.53
C SER A 356 -35.60 -3.75 1.16
N ALA A 357 -35.69 -5.08 1.07
CA ALA A 357 -36.94 -5.77 0.73
C ALA A 357 -37.99 -5.58 1.81
N ALA A 358 -37.54 -5.55 3.07
CA ALA A 358 -38.43 -5.30 4.19
C ALA A 358 -38.93 -3.87 4.08
N HIS A 359 -38.04 -2.95 3.74
CA HIS A 359 -38.47 -1.54 3.56
C HIS A 359 -39.52 -1.41 2.44
N ALA A 360 -39.28 -2.11 1.32
CA ALA A 360 -40.24 -2.18 0.20
C ALA A 360 -41.61 -2.76 0.61
N THR A 361 -41.62 -3.91 1.25
CA THR A 361 -42.84 -4.52 1.78
C THR A 361 -43.64 -3.56 2.73
N GLU A 362 -42.89 -2.79 3.50
CA GLU A 362 -43.38 -1.82 4.49
C GLU A 362 -44.11 -0.62 3.84
N ILE A 363 -43.68 -0.22 2.65
CA ILE A 363 -44.34 0.93 1.99
C ILE A 363 -45.32 0.59 0.84
N VAL B 68 -4.77 -35.69 8.95
CA VAL B 68 -4.97 -34.25 9.05
C VAL B 68 -5.95 -33.93 10.21
N HIS B 69 -5.57 -32.94 10.99
CA HIS B 69 -6.32 -32.47 12.14
C HIS B 69 -7.81 -32.19 11.84
N PRO B 70 -8.72 -32.73 12.67
CA PRO B 70 -10.15 -32.58 12.48
C PRO B 70 -10.67 -31.14 12.61
N GLY B 71 -9.87 -30.25 13.16
CA GLY B 71 -10.33 -28.89 13.36
C GLY B 71 -10.12 -27.97 12.14
N ILE B 72 -9.62 -28.55 11.03
CA ILE B 72 -9.31 -27.75 9.82
C ILE B 72 -10.39 -27.97 8.79
N PRO B 73 -11.19 -26.94 8.48
CA PRO B 73 -12.27 -27.06 7.50
C PRO B 73 -11.76 -27.36 6.08
N ALA B 74 -12.59 -28.05 5.29
CA ALA B 74 -12.23 -28.36 3.91
C ALA B 74 -11.84 -27.11 3.09
N LEU B 75 -12.40 -25.97 3.42
CA LEU B 75 -12.12 -24.74 2.66
C LEU B 75 -10.61 -24.46 2.64
N PHE B 76 -9.89 -24.87 3.69
CA PHE B 76 -8.45 -24.61 3.77
C PHE B 76 -7.59 -25.80 3.39
N ARG B 77 -8.20 -26.83 2.84
CA ARG B 77 -7.49 -28.06 2.53
C ARG B 77 -7.55 -28.46 1.08
N GLU B 78 -8.21 -27.67 0.22
CA GLU B 78 -8.42 -28.05 -1.18
C GLU B 78 -8.36 -26.75 -2.02
N PRO B 79 -7.92 -26.86 -3.27
CA PRO B 79 -8.03 -25.70 -4.17
C PRO B 79 -9.51 -25.31 -4.41
N PRO B 80 -9.75 -24.12 -5.02
CA PRO B 80 -11.12 -23.70 -5.30
C PRO B 80 -11.86 -24.66 -6.23
N LEU B 81 -13.18 -24.68 -6.19
CA LEU B 81 -13.96 -25.60 -7.01
C LEU B 81 -13.86 -25.31 -8.49
N ILE B 82 -13.88 -24.03 -8.85
CA ILE B 82 -13.97 -23.67 -10.25
C ILE B 82 -12.58 -23.58 -10.80
N HIS B 83 -12.30 -24.25 -11.91
N HIS B 83 -12.42 -24.20 -11.95
CA HIS B 83 -10.97 -24.08 -12.50
CA HIS B 83 -11.14 -24.34 -12.62
C HIS B 83 -11.05 -24.04 -14.01
C HIS B 83 -11.30 -23.96 -14.10
N ASP B 84 -10.63 -22.90 -14.54
CA ASP B 84 -10.61 -22.63 -15.98
C ASP B 84 -9.63 -23.58 -16.64
N LEU B 85 -9.88 -23.94 -17.90
CA LEU B 85 -8.92 -24.81 -18.59
C LEU B 85 -7.67 -24.10 -19.05
N LEU B 86 -7.80 -22.81 -19.35
CA LEU B 86 -6.66 -22.07 -19.92
C LEU B 86 -5.56 -21.83 -18.90
N SER B 87 -4.33 -22.21 -19.21
CA SER B 87 -3.17 -21.94 -18.36
C SER B 87 -2.44 -20.70 -18.88
N THR B 88 -2.19 -19.72 -17.98
CA THR B 88 -1.31 -18.60 -18.26
C THR B 88 -0.33 -18.41 -17.11
N GLU B 89 0.61 -17.48 -17.21
CA GLU B 89 1.58 -17.33 -16.15
CA GLU B 89 1.60 -17.31 -16.14
C GLU B 89 0.90 -17.05 -14.81
N THR B 90 -0.20 -16.29 -14.86
CA THR B 90 -0.95 -16.00 -13.62
C THR B 90 -1.41 -17.29 -12.95
N THR B 91 -2.00 -18.22 -13.72
CA THR B 91 -2.49 -19.44 -13.07
C THR B 91 -1.37 -20.34 -12.68
N GLU B 92 -0.23 -20.32 -13.39
CA GLU B 92 0.90 -21.15 -12.97
C GLU B 92 1.40 -20.70 -11.61
N LEU B 93 1.54 -19.39 -11.42
CA LEU B 93 2.05 -18.89 -10.14
C LEU B 93 1.03 -19.07 -9.02
N GLN B 94 -0.26 -18.93 -9.35
CA GLN B 94 -1.31 -19.13 -8.33
C GLN B 94 -1.34 -20.60 -7.89
N SER B 95 -1.31 -21.51 -8.85
N SER B 95 -1.28 -21.50 -8.84
CA SER B 95 -1.29 -22.95 -8.56
CA SER B 95 -1.29 -22.94 -8.53
C SER B 95 -0.08 -23.32 -7.72
C SER B 95 -0.07 -23.35 -7.74
N GLU B 96 1.10 -22.83 -8.09
CA GLU B 96 2.29 -23.12 -7.32
C GLU B 96 2.16 -22.63 -5.88
N THR B 97 1.56 -21.46 -5.69
CA THR B 97 1.43 -20.92 -4.37
C THR B 97 0.46 -21.76 -3.56
N VAL B 98 -0.67 -22.10 -4.12
CA VAL B 98 -1.60 -23.00 -3.42
C VAL B 98 -0.94 -24.30 -3.03
N ASN B 99 -0.17 -24.87 -3.92
CA ASN B 99 0.44 -26.16 -3.60
C ASN B 99 1.50 -26.07 -2.56
N LYS B 100 2.23 -24.97 -2.47
CA LYS B 100 3.14 -24.76 -1.35
C LYS B 100 2.42 -24.53 -0.01
N CYS B 101 1.26 -23.89 -0.07
CA CYS B 101 0.56 -23.58 1.18
C CYS B 101 -0.19 -24.78 1.72
N LEU B 102 -0.67 -25.69 0.89
CA LEU B 102 -1.59 -26.77 1.38
C LEU B 102 -1.02 -27.64 2.48
N PRO B 103 0.24 -28.11 2.35
CA PRO B 103 0.72 -28.98 3.46
C PRO B 103 0.85 -28.20 4.75
N LEU B 104 1.19 -26.92 4.66
CA LEU B 104 1.32 -26.07 5.85
C LEU B 104 -0.07 -25.77 6.44
N LEU B 105 -1.06 -25.42 5.62
CA LEU B 105 -2.41 -25.24 6.12
C LEU B 105 -2.94 -26.48 6.86
N LYS B 106 -2.59 -27.64 6.30
CA LYS B 106 -3.02 -28.89 6.91
C LYS B 106 -2.21 -29.24 8.15
N GLY B 107 -1.11 -28.55 8.41
CA GLY B 107 -0.28 -28.78 9.59
C GLY B 107 0.61 -29.99 9.53
N ILE B 108 0.90 -30.48 8.32
CA ILE B 108 1.63 -31.73 8.12
C ILE B 108 3.03 -31.53 7.56
N HIS B 109 3.45 -30.28 7.42
CA HIS B 109 4.75 -30.07 6.87
C HIS B 109 5.82 -30.21 7.97
N ASN B 110 6.93 -30.85 7.63
CA ASN B 110 7.89 -31.16 8.69
C ASN B 110 8.66 -29.94 9.20
N SER B 111 8.49 -28.76 8.54
CA SER B 111 9.13 -27.57 9.06
C SER B 111 8.34 -26.95 10.23
N GLN B 112 7.11 -27.44 10.49
CA GLN B 112 6.23 -26.71 11.44
C GLN B 112 6.45 -27.17 12.86
N LYS B 113 6.47 -26.24 13.77
CA LYS B 113 6.54 -26.52 15.21
C LYS B 113 5.16 -26.32 15.85
N GLY B 114 4.80 -27.20 16.78
CA GLY B 114 3.58 -27.02 17.57
C GLY B 114 3.82 -26.16 18.81
N PRO B 115 2.89 -26.21 19.76
CA PRO B 115 1.70 -27.06 19.74
C PRO B 115 0.65 -26.60 18.76
N PHE B 116 -0.08 -27.57 18.25
CA PHE B 116 -1.21 -27.30 17.36
C PHE B 116 -2.47 -27.19 18.14
N ASN B 117 -3.24 -26.13 17.94
CA ASN B 117 -4.46 -25.91 18.72
C ASN B 117 -5.66 -26.71 18.22
N LYS B 118 -6.84 -26.47 18.81
CA LYS B 118 -8.01 -27.25 18.45
C LYS B 118 -8.51 -27.04 17.04
N TYR B 119 -8.02 -25.94 16.44
CA TYR B 119 -8.36 -25.64 15.04
C TYR B 119 -7.25 -26.13 14.12
N GLY B 120 -6.27 -26.86 14.64
CA GLY B 120 -5.24 -27.46 13.81
C GLY B 120 -4.12 -26.49 13.46
N ILE B 121 -4.00 -25.38 14.19
CA ILE B 121 -3.08 -24.30 13.79
C ILE B 121 -1.89 -24.23 14.78
N PRO B 122 -0.66 -24.16 14.29
CA PRO B 122 0.49 -24.05 15.20
C PRO B 122 0.49 -22.78 16.02
N ALA B 123 1.09 -22.85 17.18
CA ALA B 123 1.29 -21.67 18.00
C ALA B 123 2.13 -20.61 17.29
N LEU B 124 1.91 -19.39 17.68
CA LEU B 124 2.86 -18.31 17.33
C LEU B 124 4.17 -18.62 18.08
N GLN B 125 5.26 -18.66 17.34
CA GLN B 125 6.59 -19.05 17.87
C GLN B 125 7.27 -17.82 18.48
N ARG B 126 6.71 -17.35 19.61
CA ARG B 126 7.08 -16.05 20.17
C ARG B 126 8.58 -15.93 20.46
N LYS B 127 9.16 -16.93 21.10
CA LYS B 127 10.57 -16.80 21.43
C LYS B 127 11.45 -16.75 20.15
N ASP B 128 11.10 -17.56 19.16
CA ASP B 128 11.86 -17.54 17.91
C ASP B 128 11.76 -16.15 17.25
N HIS B 129 10.56 -15.59 17.21
CA HIS B 129 10.42 -14.26 16.58
C HIS B 129 11.07 -13.13 17.36
N LEU B 130 11.02 -13.19 18.69
CA LEU B 130 11.72 -12.19 19.50
C LEU B 130 13.22 -12.22 19.16
N GLU B 131 13.82 -13.41 19.14
CA GLU B 131 15.25 -13.45 18.85
CA GLU B 131 15.24 -13.51 18.83
C GLU B 131 15.58 -12.91 17.46
N TYR B 132 14.73 -13.23 16.50
CA TYR B 132 14.93 -12.74 15.14
C TYR B 132 14.89 -11.21 15.14
N LEU B 133 13.91 -10.60 15.82
CA LEU B 133 13.74 -9.15 15.76
C LEU B 133 14.84 -8.44 16.53
N TYR B 134 15.26 -8.97 17.70
CA TYR B 134 16.42 -8.39 18.36
C TYR B 134 17.65 -8.48 17.47
N ASP B 135 17.88 -9.61 16.85
CA ASP B 135 19.07 -9.72 15.98
CA ASP B 135 19.04 -9.75 15.97
C ASP B 135 19.00 -8.73 14.83
N SER B 136 17.78 -8.37 14.39
CA SER B 136 17.63 -7.55 13.18
C SER B 136 18.02 -6.11 13.46
N LEU B 137 18.20 -5.78 14.73
CA LEU B 137 18.60 -4.41 15.11
C LEU B 137 20.10 -4.24 15.19
N GLU B 138 20.85 -5.31 14.97
CA GLU B 138 22.30 -5.20 15.09
C GLU B 138 22.98 -4.98 13.72
N ASP B 139 24.27 -5.23 13.55
CA ASP B 139 24.96 -4.81 12.32
C ASP B 139 24.78 -5.80 11.17
N TYR B 140 24.73 -5.28 9.94
CA TYR B 140 24.61 -6.08 8.72
C TYR B 140 25.90 -5.97 7.91
N PRO B 141 26.25 -7.03 7.16
CA PRO B 141 27.43 -7.03 6.29
C PRO B 141 27.24 -6.12 5.06
N ALA B 142 28.34 -5.84 4.38
CA ALA B 142 28.39 -4.94 3.21
C ALA B 142 27.37 -5.25 2.17
N SER B 143 27.04 -6.53 1.99
CA SER B 143 26.11 -6.96 0.96
C SER B 143 24.73 -6.38 1.14
N PHE B 144 24.44 -5.85 2.34
CA PHE B 144 23.14 -5.23 2.63
C PHE B 144 23.09 -3.72 2.31
N VAL B 145 24.06 -3.25 1.54
CA VAL B 145 24.14 -1.82 1.23
C VAL B 145 22.83 -1.25 0.64
N ALA B 146 22.05 -2.03 -0.09
CA ALA B 146 20.79 -1.50 -0.66
C ALA B 146 19.80 -1.08 0.39
N LEU B 147 20.01 -1.53 1.63
CA LEU B 147 19.12 -1.09 2.72
C LEU B 147 19.56 0.25 3.33
N ASP B 148 20.59 0.89 2.78
CA ASP B 148 21.07 2.14 3.37
C ASP B 148 19.97 3.16 3.52
N ALA B 149 19.15 3.34 2.48
CA ALA B 149 18.09 4.35 2.55
C ALA B 149 16.95 3.94 3.50
N SER B 150 16.92 2.65 3.84
CA SER B 150 15.82 2.04 4.64
C SER B 150 16.18 1.82 6.12
N ARG B 151 17.33 2.32 6.59
CA ARG B 151 17.74 2.07 7.96
C ARG B 151 16.66 2.50 8.98
N PRO B 152 16.02 3.66 8.79
CA PRO B 152 14.95 3.99 9.77
C PRO B 152 13.82 3.00 9.76
N TRP B 153 13.47 2.52 8.55
CA TRP B 153 12.46 1.45 8.51
C TRP B 153 12.89 0.21 9.30
N MET B 154 14.15 -0.20 9.19
N MET B 154 14.15 -0.15 9.15
CA MET B 154 14.59 -1.43 9.91
CA MET B 154 14.68 -1.30 9.86
C MET B 154 14.46 -1.24 11.43
C MET B 154 14.34 -1.17 11.34
N VAL B 155 14.68 -0.02 11.89
CA VAL B 155 14.46 0.27 13.33
C VAL B 155 12.97 0.16 13.67
N TYR B 156 12.12 0.79 12.87
CA TYR B 156 10.69 0.75 13.10
C TYR B 156 10.15 -0.67 13.05
N TRP B 157 10.46 -1.43 12.00
CA TRP B 157 9.86 -2.78 11.86
C TRP B 157 10.23 -3.65 13.06
N ALA B 158 11.49 -3.56 13.50
CA ALA B 158 11.92 -4.39 14.65
C ALA B 158 11.25 -3.90 15.94
N LEU B 159 11.22 -2.59 16.20
CA LEU B 159 10.56 -2.14 17.45
C LEU B 159 9.07 -2.49 17.43
N ALA B 160 8.40 -2.29 16.31
CA ALA B 160 6.99 -2.62 16.22
C ALA B 160 6.76 -4.12 16.48
N GLY B 161 7.56 -5.01 15.88
CA GLY B 161 7.41 -6.45 16.17
C GLY B 161 7.65 -6.79 17.63
N LEU B 162 8.68 -6.20 18.21
CA LEU B 162 8.94 -6.42 19.64
C LEU B 162 7.78 -5.91 20.50
N CYS B 163 7.24 -4.72 20.22
N CYS B 163 7.27 -4.76 20.13
CA CYS B 163 6.05 -4.22 20.94
CA CYS B 163 6.13 -4.21 20.82
C CYS B 163 4.87 -5.15 20.78
C CYS B 163 4.94 -5.17 20.77
N LEU B 164 4.57 -5.60 19.57
CA LEU B 164 3.46 -6.52 19.37
C LEU B 164 3.59 -7.77 20.25
N LEU B 165 4.81 -8.30 20.31
CA LEU B 165 5.09 -9.50 21.07
C LEU B 165 5.18 -9.24 22.59
N GLY B 166 5.00 -8.00 23.02
CA GLY B 166 4.87 -7.73 24.46
C GLY B 166 6.13 -7.31 25.13
N GLU B 167 7.18 -6.96 24.38
CA GLU B 167 8.39 -6.43 25.00
C GLU B 167 8.25 -4.98 25.40
N ASP B 168 9.03 -4.61 26.42
CA ASP B 168 9.13 -3.21 26.81
C ASP B 168 10.34 -2.70 26.03
N VAL B 169 10.15 -1.75 25.10
CA VAL B 169 11.27 -1.27 24.28
C VAL B 169 11.86 0.04 24.81
N THR B 170 11.49 0.43 26.03
CA THR B 170 12.07 1.61 26.72
C THR B 170 13.58 1.57 26.69
N ARG B 171 14.17 0.40 26.84
CA ARG B 171 15.62 0.34 26.95
C ARG B 171 16.31 0.72 25.67
N PHE B 172 15.57 0.85 24.56
CA PHE B 172 16.15 1.29 23.29
C PHE B 172 16.17 2.83 23.13
N ARG B 173 15.69 3.59 24.12
CA ARG B 173 15.61 5.05 23.93
C ARG B 173 16.94 5.67 23.50
N GLU B 174 18.00 5.36 24.22
CA GLU B 174 19.27 5.98 23.87
C GLU B 174 19.78 5.62 22.49
N ARG B 175 19.64 4.35 22.12
CA ARG B 175 20.14 3.94 20.80
C ARG B 175 19.25 4.51 19.70
N VAL B 176 17.94 4.65 19.94
CA VAL B 176 17.09 5.32 18.94
C VAL B 176 17.51 6.80 18.76
N ILE B 177 17.77 7.46 19.88
CA ILE B 177 18.24 8.86 19.82
C ILE B 177 19.54 8.99 19.02
N SER B 178 20.50 8.12 19.30
CA SER B 178 21.78 8.08 18.60
C SER B 178 21.51 7.94 17.09
N THR B 179 20.66 6.97 16.73
CA THR B 179 20.42 6.66 15.35
C THR B 179 19.77 7.84 14.63
N PHE B 180 18.75 8.44 15.21
CA PHE B 180 17.96 9.43 14.43
C PHE B 180 18.58 10.85 14.52
N THR B 181 19.40 11.10 15.54
CA THR B 181 20.03 12.42 15.59
C THR B 181 20.90 12.64 14.39
N ALA B 182 21.62 11.60 14.02
CA ALA B 182 22.47 11.62 12.88
C ALA B 182 21.74 11.70 11.52
N ALA B 183 20.50 11.21 11.47
CA ALA B 183 19.76 11.13 10.20
C ALA B 183 18.90 12.37 9.97
N GLN B 184 18.77 13.22 11.01
CA GLN B 184 17.97 14.45 10.86
C GLN B 184 18.73 15.55 10.18
N ASN B 185 18.10 16.17 9.18
CA ASN B 185 18.73 17.27 8.47
C ASN B 185 18.41 18.60 9.11
N SER B 186 19.37 19.52 9.11
CA SER B 186 19.15 20.77 9.84
C SER B 186 18.05 21.64 9.20
N THR B 187 17.81 21.44 7.91
CA THR B 187 16.74 22.11 7.18
C THR B 187 15.39 21.45 7.38
N GLY B 188 15.39 20.36 8.12
CA GLY B 188 14.13 19.73 8.49
C GLY B 188 13.94 18.32 7.97
N GLY B 189 13.27 17.44 8.73
CA GLY B 189 12.94 16.08 8.32
C GLY B 189 14.08 15.13 8.58
N ILE B 190 13.79 13.85 8.40
CA ILE B 190 14.73 12.77 8.59
C ILE B 190 14.88 11.99 7.29
N GLY B 191 16.13 11.70 6.95
CA GLY B 191 16.43 10.84 5.81
C GLY B 191 16.90 9.47 6.24
N GLY B 192 17.44 8.70 5.30
CA GLY B 192 17.84 7.35 5.60
C GLY B 192 19.09 7.32 6.49
N GLY B 193 19.84 8.43 6.59
CA GLY B 193 21.06 8.44 7.38
C GLY B 193 21.89 9.63 7.00
N HIS B 194 23.01 9.81 7.68
CA HIS B 194 23.88 10.99 7.48
C HIS B 194 24.13 11.30 6.01
N GLY B 195 23.70 12.46 5.55
CA GLY B 195 23.97 12.88 4.17
C GLY B 195 22.86 12.56 3.18
N GLN B 196 21.79 11.92 3.66
CA GLN B 196 20.68 11.58 2.77
C GLN B 196 19.62 12.65 2.99
N MET B 197 19.03 13.11 1.90
CA MET B 197 17.98 14.12 2.05
C MET B 197 16.75 13.60 2.78
N SER B 198 15.98 14.51 3.37
CA SER B 198 14.81 14.05 4.13
C SER B 198 13.80 13.39 3.22
N HIS B 199 13.12 12.36 3.77
CA HIS B 199 12.13 11.62 2.97
C HIS B 199 10.99 11.34 3.93
N VAL B 200 9.77 11.42 3.44
CA VAL B 200 8.64 11.22 4.35
C VAL B 200 8.58 9.79 4.94
N ALA B 201 9.07 8.78 4.21
CA ALA B 201 8.99 7.42 4.76
C ALA B 201 9.97 7.22 5.91
N SER B 202 11.19 7.74 5.75
N SER B 202 11.17 7.75 5.73
CA SER B 202 12.14 7.63 6.85
CA SER B 202 12.17 7.74 6.78
C SER B 202 11.71 8.53 8.01
C SER B 202 11.64 8.49 7.98
N SER B 203 11.06 9.66 7.73
CA SER B 203 10.56 10.50 8.82
C SER B 203 9.41 9.81 9.56
N TYR B 204 8.52 9.15 8.82
CA TYR B 204 7.44 8.38 9.45
C TYR B 204 8.04 7.26 10.32
N ALA B 205 8.95 6.50 9.77
CA ALA B 205 9.57 5.40 10.55
C ALA B 205 10.26 5.91 11.78
N ALA B 206 10.96 7.03 11.66
CA ALA B 206 11.64 7.56 12.82
C ALA B 206 10.65 8.07 13.87
N VAL B 207 9.64 8.83 13.46
CA VAL B 207 8.66 9.31 14.43
C VAL B 207 7.94 8.19 15.14
N LEU B 208 7.57 7.14 14.41
CA LEU B 208 6.89 6.01 15.05
C LEU B 208 7.85 5.29 16.00
N SER B 209 9.12 5.20 15.61
CA SER B 209 10.11 4.59 16.52
C SER B 209 10.26 5.39 17.81
N ILE B 210 10.37 6.72 17.67
CA ILE B 210 10.46 7.59 18.82
C ILE B 210 9.22 7.47 19.69
N ALA B 211 8.04 7.37 19.06
CA ALA B 211 6.82 7.20 19.83
C ALA B 211 6.86 5.91 20.64
N MET B 212 7.34 4.84 20.04
CA MET B 212 7.34 3.53 20.73
C MET B 212 8.31 3.56 21.92
N VAL B 213 9.50 4.13 21.76
CA VAL B 213 10.42 4.12 22.92
C VAL B 213 10.03 5.15 23.94
N GLY B 214 9.42 6.26 23.51
CA GLY B 214 8.94 7.29 24.43
C GLY B 214 10.04 8.09 25.09
N GLY B 215 9.61 8.95 26.01
CA GLY B 215 10.50 9.74 26.84
C GLY B 215 10.74 11.11 26.25
N GLU B 216 10.92 12.09 27.15
CA GLU B 216 11.12 13.47 26.71
C GLU B 216 12.38 13.66 25.86
N GLU B 217 13.45 12.94 26.16
CA GLU B 217 14.68 13.12 25.40
C GLU B 217 14.52 12.72 23.94
N ALA B 218 13.83 11.61 23.74
CA ALA B 218 13.58 11.18 22.37
C ALA B 218 12.65 12.18 21.68
N PHE B 219 11.60 12.63 22.36
CA PHE B 219 10.65 13.55 21.73
C PHE B 219 11.36 14.87 21.38
N LYS B 220 12.29 15.26 22.23
CA LYS B 220 13.03 16.53 22.05
C LYS B 220 13.99 16.50 20.87
N LEU B 221 14.35 15.32 20.37
CA LEU B 221 15.36 15.30 19.33
C LEU B 221 14.83 15.95 18.05
N ILE B 222 13.55 15.77 17.80
CA ILE B 222 12.96 16.28 16.56
C ILE B 222 12.92 17.80 16.50
N ASP B 223 13.42 18.40 15.41
CA ASP B 223 13.25 19.84 15.20
C ASP B 223 11.89 20.02 14.54
N ARG B 224 10.89 20.34 15.36
CA ARG B 224 9.50 20.41 14.85
C ARG B 224 9.25 21.50 13.88
N LYS B 225 9.78 22.71 14.15
CA LYS B 225 9.60 23.80 13.20
C LYS B 225 10.24 23.47 11.85
N ALA B 226 11.45 22.88 11.87
CA ALA B 226 12.11 22.61 10.60
C ALA B 226 11.36 21.46 9.90
N MET B 227 10.83 20.50 10.66
CA MET B 227 10.00 19.46 10.04
C MET B 227 8.78 20.04 9.31
N TRP B 228 8.10 21.01 9.95
CA TRP B 228 6.96 21.67 9.34
C TRP B 228 7.35 22.44 8.07
N LYS B 229 8.47 23.17 8.10
CA LYS B 229 8.88 23.87 6.89
C LYS B 229 9.19 22.90 5.74
N TRP B 230 9.87 21.80 6.06
CA TRP B 230 10.27 20.84 5.03
C TRP B 230 9.01 20.14 4.51
N LEU B 231 8.13 19.66 5.39
CA LEU B 231 6.92 18.98 4.88
C LEU B 231 6.10 19.93 4.00
N GLY B 232 6.08 21.22 4.35
CA GLY B 232 5.36 22.17 3.52
C GLY B 232 5.89 22.26 2.08
N LYS B 233 7.19 21.99 1.90
CA LYS B 233 7.76 21.95 0.57
C LYS B 233 7.25 20.82 -0.30
N LEU B 234 6.76 19.78 0.34
CA LEU B 234 6.28 18.59 -0.37
C LEU B 234 4.87 18.73 -0.88
N LYS B 235 4.10 19.70 -0.34
CA LYS B 235 2.71 19.84 -0.74
C LYS B 235 2.65 20.27 -2.19
N GLN B 236 1.83 19.57 -2.98
CA GLN B 236 1.73 19.81 -4.42
C GLN B 236 0.45 20.54 -4.79
N PRO B 237 0.40 21.17 -5.97
CA PRO B 237 -0.82 21.90 -6.38
C PRO B 237 -2.07 21.02 -6.41
N ASP B 238 -1.90 19.74 -6.75
CA ASP B 238 -3.06 18.85 -6.84
C ASP B 238 -3.53 18.30 -5.50
N GLY B 239 -2.94 18.78 -4.41
CA GLY B 239 -3.40 18.39 -3.09
C GLY B 239 -2.61 17.30 -2.39
N GLY B 240 -1.87 16.53 -3.18
CA GLY B 240 -1.02 15.47 -2.64
C GLY B 240 0.33 15.97 -2.17
N PHE B 241 1.23 14.99 -1.93
CA PHE B 241 2.57 15.27 -1.40
C PHE B 241 3.58 14.41 -2.15
N THR B 242 4.72 15.00 -2.49
CA THR B 242 5.86 14.19 -2.90
C THR B 242 6.52 13.58 -1.69
N VAL B 243 7.34 12.55 -1.93
CA VAL B 243 7.94 11.85 -0.79
C VAL B 243 9.24 12.51 -0.34
N CYS B 244 9.79 13.35 -1.22
CA CYS B 244 10.99 14.11 -0.89
C CYS B 244 11.06 15.21 -1.94
N GLU B 245 11.93 16.20 -1.71
CA GLU B 245 11.99 17.30 -2.69
C GLU B 245 12.58 16.76 -3.98
N GLY B 246 11.83 16.87 -5.07
CA GLY B 246 12.29 16.31 -6.34
C GLY B 246 11.90 14.87 -6.54
N GLY B 247 11.18 14.27 -5.57
CA GLY B 247 10.78 12.87 -5.66
C GLY B 247 9.36 12.67 -6.16
N GLU B 248 8.98 11.41 -6.19
CA GLU B 248 7.67 11.03 -6.72
C GLU B 248 6.50 11.45 -5.79
N GLU B 249 5.34 11.65 -6.42
CA GLU B 249 4.08 11.94 -5.70
C GLU B 249 3.17 10.73 -5.77
N ASP B 250 2.82 10.25 -4.57
CA ASP B 250 1.88 9.11 -4.49
C ASP B 250 1.32 9.10 -3.09
N VAL B 251 0.35 8.22 -2.89
CA VAL B 251 -0.40 8.28 -1.63
C VAL B 251 0.46 7.88 -0.42
N ARG B 252 1.61 7.21 -0.57
CA ARG B 252 2.57 7.09 0.55
C ARG B 252 2.99 8.41 1.05
N GLY B 253 3.25 9.35 0.16
CA GLY B 253 3.65 10.69 0.54
C GLY B 253 2.60 11.32 1.40
N ALA B 254 1.32 11.24 0.95
CA ALA B 254 0.27 11.86 1.71
C ALA B 254 0.12 11.22 3.10
N TYR B 255 0.02 9.87 3.15
CA TYR B 255 -0.19 9.21 4.44
C TYR B 255 0.99 9.42 5.38
N CYS B 256 2.24 9.24 4.91
CA CYS B 256 3.38 9.41 5.81
C CYS B 256 3.52 10.86 6.28
N ALA B 257 3.32 11.83 5.37
CA ALA B 257 3.41 13.22 5.78
C ALA B 257 2.36 13.54 6.83
N MET B 258 1.13 13.08 6.61
CA MET B 258 0.06 13.44 7.56
C MET B 258 0.16 12.73 8.88
N VAL B 259 0.70 11.54 8.92
CA VAL B 259 0.96 10.89 10.22
C VAL B 259 2.02 11.65 10.97
N VAL B 260 3.13 12.03 10.32
CA VAL B 260 4.14 12.84 11.02
C VAL B 260 3.53 14.16 11.51
N HIS B 261 2.73 14.78 10.64
CA HIS B 261 2.10 16.07 10.99
C HIS B 261 1.23 15.90 12.23
N ALA B 262 0.41 14.86 12.25
CA ALA B 262 -0.52 14.64 13.37
C ALA B 262 0.21 14.28 14.65
N LEU B 263 1.16 13.34 14.59
CA LEU B 263 1.78 12.92 15.85
C LEU B 263 2.66 14.03 16.48
N LEU B 264 3.20 14.95 15.68
CA LEU B 264 4.04 16.04 16.18
C LEU B 264 3.21 17.32 16.43
N ASP B 265 1.87 17.25 16.26
CA ASP B 265 0.96 18.39 16.39
C ASP B 265 1.53 19.61 15.62
N LEU B 266 1.86 19.42 14.35
CA LEU B 266 2.35 20.56 13.61
C LEU B 266 1.21 21.49 13.24
N PRO B 267 1.51 22.76 12.97
CA PRO B 267 0.42 23.64 12.56
C PRO B 267 -0.24 23.19 11.26
N LEU B 268 -1.55 23.29 11.20
CA LEU B 268 -2.31 22.97 10.00
C LEU B 268 -1.99 23.89 8.83
N ALA B 269 -1.73 25.18 9.10
CA ALA B 269 -1.41 26.06 8.01
C ALA B 269 -0.09 25.70 7.35
N LEU B 270 -0.02 25.85 6.05
CA LEU B 270 1.28 25.74 5.38
C LEU B 270 2.22 26.83 5.84
N PRO B 271 3.52 26.55 5.83
CA PRO B 271 4.49 27.64 6.09
C PRO B 271 4.19 28.81 5.16
N PRO B 272 4.49 30.03 5.62
CA PRO B 272 4.13 31.16 4.75
C PRO B 272 4.86 31.13 3.39
N GLU B 273 6.02 30.47 3.29
CA GLU B 273 6.76 30.35 2.01
C GLU B 273 6.52 29.13 1.16
N ALA B 274 5.58 28.32 1.56
CA ALA B 274 5.31 27.08 0.85
C ALA B 274 4.85 27.42 -0.56
N GLU B 275 5.42 26.74 -1.53
CA GLU B 275 5.13 27.02 -2.92
CA GLU B 275 5.12 26.98 -2.94
C GLU B 275 3.68 26.74 -3.26
N ALA B 276 3.10 25.74 -2.58
CA ALA B 276 1.72 25.41 -2.84
C ALA B 276 0.79 26.56 -2.53
N ARG B 277 1.25 27.53 -1.74
CA ARG B 277 0.38 28.73 -1.50
C ARG B 277 0.16 29.50 -2.80
N GLN B 278 1.10 29.41 -3.72
CA GLN B 278 0.92 30.12 -4.99
CA GLN B 278 0.94 30.14 -5.01
C GLN B 278 -0.19 29.53 -5.84
N ASN B 279 -0.61 28.31 -5.49
CA ASN B 279 -1.67 27.62 -6.19
C ASN B 279 -2.96 27.63 -5.41
N GLY B 280 -3.05 28.58 -4.49
CA GLY B 280 -4.25 28.82 -3.71
C GLY B 280 -4.50 27.91 -2.52
N LEU B 281 -3.56 27.03 -2.22
CA LEU B 281 -3.73 26.14 -1.05
C LEU B 281 -3.23 26.87 0.23
N GLU B 282 -3.90 26.66 1.36
CA GLU B 282 -3.53 27.36 2.59
C GLU B 282 -3.07 26.42 3.69
N THR B 283 -3.54 25.15 3.69
CA THR B 283 -3.21 24.25 4.78
C THR B 283 -2.75 22.93 4.20
N PHE B 284 -2.19 22.14 5.11
CA PHE B 284 -1.67 20.81 4.68
C PHE B 284 -2.76 19.91 4.14
N THR B 285 -4.02 20.14 4.55
CA THR B 285 -5.12 19.24 4.15
C THR B 285 -5.92 19.78 2.97
N ASP B 286 -5.65 21.01 2.55
CA ASP B 286 -6.38 21.60 1.43
C ASP B 286 -6.15 20.80 0.17
N GLY B 287 -7.23 20.34 -0.47
CA GLY B 287 -7.16 19.61 -1.73
C GLY B 287 -6.79 18.15 -1.50
N LEU B 288 -6.53 17.75 -0.26
CA LEU B 288 -6.02 16.39 0.02
C LEU B 288 -7.08 15.26 -0.12
N PRO B 289 -8.26 15.40 0.51
CA PRO B 289 -9.21 14.29 0.29
C PRO B 289 -9.67 14.24 -1.19
N GLU B 290 -9.77 15.40 -1.87
CA GLU B 290 -10.10 15.38 -3.28
C GLU B 290 -9.01 14.62 -4.10
N TYR B 291 -7.74 14.81 -3.77
CA TYR B 291 -6.66 14.10 -4.41
C TYR B 291 -6.84 12.59 -4.13
N LEU B 292 -7.14 12.23 -2.89
CA LEU B 292 -7.28 10.79 -2.62
C LEU B 292 -8.49 10.21 -3.37
N SER B 293 -9.61 10.96 -3.47
CA SER B 293 -10.75 10.47 -4.25
C SER B 293 -10.34 10.18 -5.72
N ARG B 294 -9.45 11.03 -6.28
CA ARG B 294 -8.98 10.85 -7.64
C ARG B 294 -8.04 9.63 -7.79
N CYS B 295 -7.68 8.97 -6.66
CA CYS B 295 -6.87 7.72 -6.73
C CYS B 295 -7.75 6.48 -6.64
N GLN B 296 -9.06 6.61 -6.42
CA GLN B 296 -9.89 5.42 -6.54
C GLN B 296 -9.90 4.95 -8.02
N THR B 297 -10.07 3.65 -8.28
CA THR B 297 -10.13 3.17 -9.62
C THR B 297 -11.49 2.53 -9.91
N TYR B 298 -11.68 2.21 -11.18
CA TYR B 298 -12.93 1.54 -11.60
C TYR B 298 -13.14 0.20 -10.85
N GLU B 299 -12.05 -0.41 -10.33
CA GLU B 299 -12.23 -1.66 -9.61
C GLU B 299 -12.79 -1.45 -8.20
N GLY B 300 -12.73 -0.23 -7.68
CA GLY B 300 -13.21 0.10 -6.34
C GLY B 300 -12.05 0.35 -5.40
N GLY B 301 -10.89 -0.30 -5.63
CA GLY B 301 -9.73 -0.07 -4.81
C GLY B 301 -9.08 1.26 -5.12
N ILE B 302 -7.89 1.48 -4.59
CA ILE B 302 -7.25 2.80 -4.61
C ILE B 302 -5.82 2.56 -5.07
N SER B 303 -5.38 3.38 -6.01
CA SER B 303 -4.04 3.24 -6.57
C SER B 303 -3.03 4.20 -5.94
N GLY B 304 -1.74 4.06 -6.30
CA GLY B 304 -0.74 4.94 -5.69
C GLY B 304 -0.83 6.37 -6.14
N SER B 305 -1.24 6.54 -7.39
CA SER B 305 -1.38 7.87 -7.98
C SER B 305 -2.55 7.73 -8.99
N PRO B 306 -3.13 8.85 -9.47
CA PRO B 306 -4.35 8.75 -10.32
C PRO B 306 -4.14 7.89 -11.57
N GLY B 307 -5.06 6.96 -11.81
CA GLY B 307 -5.01 6.10 -13.00
C GLY B 307 -4.18 4.85 -12.86
N SER B 308 -3.34 4.75 -11.81
CA SER B 308 -2.60 3.50 -11.64
C SER B 308 -3.51 2.37 -11.13
N GLU B 309 -2.94 1.20 -10.90
CA GLU B 309 -3.78 0.04 -10.59
C GLU B 309 -4.13 0.00 -9.09
N ALA B 310 -5.41 -0.36 -8.82
CA ALA B 310 -5.80 -0.47 -7.38
C ALA B 310 -4.89 -1.42 -6.64
N HIS B 311 -4.46 -1.04 -5.43
CA HIS B 311 -3.52 -1.90 -4.70
C HIS B 311 -3.78 -1.75 -3.22
N GLY B 312 -3.74 -2.86 -2.48
CA GLY B 312 -4.03 -2.82 -1.04
C GLY B 312 -3.07 -1.91 -0.27
N ALA B 313 -1.79 -1.83 -0.63
CA ALA B 313 -0.92 -0.97 0.14
C ALA B 313 -1.34 0.49 0.03
N TYR B 314 -1.75 0.88 -1.17
CA TYR B 314 -2.14 2.28 -1.39
C TYR B 314 -3.56 2.52 -0.88
N ALA B 315 -4.42 1.50 -0.87
CA ALA B 315 -5.74 1.65 -0.20
C ALA B 315 -5.56 1.93 1.28
N PHE B 316 -4.64 1.20 1.93
CA PHE B 316 -4.40 1.49 3.32
C PHE B 316 -3.96 2.95 3.50
N CYS B 317 -2.95 3.35 2.73
CA CYS B 317 -2.46 4.75 2.91
C CYS B 317 -3.58 5.77 2.74
N ALA B 318 -4.40 5.60 1.69
CA ALA B 318 -5.46 6.57 1.41
C ALA B 318 -6.56 6.55 2.49
N LEU B 319 -7.00 5.36 2.88
CA LEU B 319 -8.10 5.29 3.85
C LEU B 319 -7.62 5.77 5.22
N ALA B 320 -6.39 5.39 5.62
CA ALA B 320 -5.87 5.85 6.90
C ALA B 320 -5.70 7.37 6.84
N CYS B 321 -5.19 7.91 5.72
CA CYS B 321 -5.06 9.37 5.60
C CYS B 321 -6.44 10.04 5.70
N LEU B 322 -7.47 9.47 5.03
CA LEU B 322 -8.84 10.08 5.13
C LEU B 322 -9.30 10.11 6.58
N CYS B 323 -8.98 9.06 7.34
CA CYS B 323 -9.39 9.02 8.74
C CYS B 323 -8.58 9.95 9.63
N LEU B 324 -7.47 10.54 9.16
CA LEU B 324 -6.84 11.65 9.86
C LEU B 324 -7.53 13.00 9.62
N LEU B 325 -8.49 13.03 8.70
CA LEU B 325 -9.16 14.28 8.34
C LEU B 325 -10.51 14.51 8.99
N GLY B 326 -11.11 13.45 9.53
CA GLY B 326 -12.41 13.59 10.20
C GLY B 326 -12.90 12.21 10.55
N ARG B 327 -14.16 12.10 10.96
CA ARG B 327 -14.70 10.80 11.38
C ARG B 327 -14.82 9.90 10.16
N PRO B 328 -14.51 8.60 10.32
CA PRO B 328 -14.57 7.67 9.17
C PRO B 328 -15.91 7.65 8.44
N GLU B 329 -17.02 7.72 9.19
CA GLU B 329 -18.34 7.64 8.56
C GLU B 329 -18.72 8.94 7.84
N VAL B 330 -17.93 10.00 8.04
CA VAL B 330 -18.12 11.23 7.26
C VAL B 330 -17.19 11.23 6.08
N VAL B 331 -15.91 11.01 6.33
N VAL B 331 -15.89 11.06 6.31
CA VAL B 331 -14.94 11.29 5.29
CA VAL B 331 -14.93 11.28 5.21
C VAL B 331 -14.91 10.15 4.27
C VAL B 331 -14.82 10.12 4.23
N VAL B 332 -14.95 8.88 4.69
CA VAL B 332 -14.73 7.79 3.73
C VAL B 332 -15.88 7.72 2.71
N PRO B 333 -17.17 7.83 3.12
CA PRO B 333 -18.24 7.75 2.09
C PRO B 333 -18.31 9.01 1.24
N ARG B 334 -17.81 10.13 1.75
CA ARG B 334 -17.87 11.33 0.95
C ARG B 334 -16.87 11.24 -0.19
N TYR B 335 -15.66 10.70 0.06
CA TYR B 335 -14.59 10.78 -0.93
C TYR B 335 -14.35 9.46 -1.67
N MET B 336 -14.87 8.35 -1.17
CA MET B 336 -14.76 7.08 -1.86
C MET B 336 -16.13 6.52 -2.12
N ASN B 337 -16.25 5.81 -3.25
CA ASN B 337 -17.46 5.03 -3.53
C ASN B 337 -17.33 3.73 -2.72
N ILE B 338 -18.04 3.62 -1.59
CA ILE B 338 -17.93 2.43 -0.76
C ILE B 338 -18.54 1.21 -1.46
N ALA B 339 -19.51 1.42 -2.35
CA ALA B 339 -20.11 0.30 -3.08
C ALA B 339 -19.19 -0.51 -3.94
N THR B 340 -18.14 0.15 -4.44
CA THR B 340 -17.14 -0.58 -5.19
C THR B 340 -15.91 -0.92 -4.33
N LEU B 341 -15.56 -0.06 -3.34
CA LEU B 341 -14.44 -0.34 -2.47
C LEU B 341 -14.64 -1.62 -1.69
N LEU B 342 -15.84 -1.79 -1.12
CA LEU B 342 -16.05 -2.96 -0.24
C LEU B 342 -15.85 -4.33 -0.95
N PRO B 343 -16.47 -4.56 -2.12
CA PRO B 343 -16.25 -5.87 -2.73
C PRO B 343 -14.81 -6.03 -3.18
N TRP B 344 -14.14 -4.94 -3.64
CA TRP B 344 -12.73 -5.15 -4.05
C TRP B 344 -11.86 -5.52 -2.83
N LEU B 345 -12.13 -4.88 -1.69
CA LEU B 345 -11.38 -5.21 -0.47
C LEU B 345 -11.69 -6.64 -0.04
N SER B 346 -12.98 -7.03 -0.10
CA SER B 346 -13.33 -8.40 0.23
C SER B 346 -12.63 -9.40 -0.70
N ALA B 347 -12.54 -9.05 -1.99
CA ALA B 347 -11.94 -9.96 -2.95
C ALA B 347 -10.42 -10.10 -2.81
N ARG B 348 -9.79 -9.32 -1.94
CA ARG B 348 -8.36 -9.54 -1.71
C ARG B 348 -8.04 -10.87 -1.06
N GLN B 349 -9.03 -11.47 -0.36
CA GLN B 349 -8.72 -12.67 0.42
C GLN B 349 -9.02 -13.92 -0.43
N TYR B 350 -8.10 -14.88 -0.37
CA TYR B 350 -8.24 -16.15 -1.17
C TYR B 350 -8.43 -17.36 -0.24
N ALA B 351 -9.03 -18.39 -0.78
CA ALA B 351 -9.02 -19.73 -0.14
C ALA B 351 -8.44 -20.67 -1.18
N PRO B 352 -7.62 -21.65 -0.78
CA PRO B 352 -7.43 -22.08 0.61
C PRO B 352 -6.37 -21.29 1.38
N GLU B 353 -5.55 -20.43 0.72
CA GLU B 353 -4.45 -19.81 1.47
C GLU B 353 -4.90 -19.05 2.70
N GLY B 354 -6.00 -18.30 2.61
CA GLY B 354 -6.56 -17.54 3.73
C GLY B 354 -6.01 -16.13 3.83
N GLY B 355 -4.84 -15.84 3.26
CA GLY B 355 -4.30 -14.48 3.31
C GLY B 355 -4.83 -13.56 2.22
N PHE B 356 -4.23 -12.37 2.21
CA PHE B 356 -4.66 -11.35 1.26
C PHE B 356 -3.62 -11.13 0.20
N SER B 357 -4.09 -10.92 -1.02
CA SER B 357 -3.28 -10.39 -2.13
C SER B 357 -3.39 -8.86 -2.17
N GLY B 358 -2.44 -8.25 -2.88
CA GLY B 358 -2.47 -6.77 -2.98
C GLY B 358 -3.28 -6.21 -4.12
N ARG B 359 -3.44 -7.01 -5.15
CA ARG B 359 -4.17 -6.55 -6.36
C ARG B 359 -4.70 -7.73 -7.13
N THR B 360 -5.70 -7.43 -7.95
CA THR B 360 -6.42 -8.48 -8.65
C THR B 360 -5.47 -9.36 -9.46
N ASN B 361 -5.71 -10.69 -9.33
CA ASN B 361 -4.93 -11.69 -10.07
C ASN B 361 -3.44 -11.76 -9.73
N LYS B 362 -3.07 -11.25 -8.53
CA LYS B 362 -1.72 -11.51 -8.02
C LYS B 362 -1.80 -12.37 -6.77
N LEU B 363 -0.69 -12.54 -6.07
CA LEU B 363 -0.65 -13.64 -5.07
C LEU B 363 -0.81 -13.09 -3.66
N VAL B 364 -1.23 -13.99 -2.79
CA VAL B 364 -1.21 -13.64 -1.35
C VAL B 364 0.19 -13.31 -0.83
N ASP B 365 0.25 -12.52 0.24
CA ASP B 365 1.52 -12.17 0.87
C ASP B 365 1.21 -11.71 2.29
N GLY B 366 1.95 -12.29 3.22
CA GLY B 366 1.73 -11.98 4.64
C GLY B 366 1.83 -10.49 4.97
N CYS B 367 2.56 -9.65 4.20
CA CYS B 367 2.58 -8.24 4.65
C CYS B 367 1.23 -7.53 4.43
N TYR B 368 0.42 -8.08 3.52
CA TYR B 368 -0.92 -7.49 3.33
C TYR B 368 -1.81 -7.80 4.54
N SER B 369 -1.36 -8.70 5.43
CA SER B 369 -2.14 -8.87 6.66
C SER B 369 -2.29 -7.53 7.36
N HIS B 370 -1.30 -6.63 7.25
CA HIS B 370 -1.46 -5.25 7.65
C HIS B 370 -2.10 -4.39 6.59
N TRP B 371 -1.52 -4.33 5.37
CA TRP B 371 -1.99 -3.26 4.46
C TRP B 371 -3.47 -3.46 4.10
N VAL B 372 -3.88 -4.71 3.80
CA VAL B 372 -5.29 -4.97 3.55
C VAL B 372 -6.01 -5.16 4.89
N GLY B 373 -5.44 -5.94 5.84
CA GLY B 373 -6.16 -6.27 7.09
C GLY B 373 -6.60 -5.00 7.82
N ASN B 374 -5.73 -4.01 7.92
CA ASN B 374 -6.05 -2.80 8.66
C ASN B 374 -6.88 -1.81 7.88
N CYS B 375 -7.17 -2.11 6.59
CA CYS B 375 -8.25 -1.34 5.95
C CYS B 375 -9.60 -1.70 6.59
N TRP B 376 -9.73 -2.92 7.12
CA TRP B 376 -11.04 -3.36 7.59
C TRP B 376 -11.62 -2.56 8.78
N PRO B 377 -10.82 -2.30 9.83
CA PRO B 377 -11.40 -1.47 10.91
C PRO B 377 -11.77 -0.08 10.41
N LEU B 378 -11.03 0.44 9.43
CA LEU B 378 -11.33 1.78 8.91
C LEU B 378 -12.65 1.75 8.15
N VAL B 379 -12.82 0.76 7.24
N VAL B 379 -12.84 0.78 7.26
CA VAL B 379 -14.06 0.70 6.45
CA VAL B 379 -14.08 0.78 6.49
C VAL B 379 -15.24 0.35 7.40
C VAL B 379 -15.26 0.26 7.32
N GLN B 380 -14.99 -0.58 8.31
CA GLN B 380 -16.06 -0.98 9.26
C GLN B 380 -16.50 0.22 10.11
N ALA B 381 -15.56 1.07 10.51
CA ALA B 381 -15.94 2.30 11.24
C ALA B 381 -16.73 3.25 10.35
N ALA B 382 -16.38 3.30 9.05
CA ALA B 382 -17.12 4.17 8.14
C ALA B 382 -18.58 3.72 8.01
N LEU B 383 -18.83 2.41 8.13
CA LEU B 383 -20.16 1.85 8.05
C LEU B 383 -20.88 1.91 9.41
N ASP B 384 -20.16 1.71 10.51
CA ASP B 384 -20.80 1.67 11.85
C ASP B 384 -21.00 3.05 12.47
N GLY B 385 -20.11 3.99 12.14
CA GLY B 385 -20.08 5.27 12.80
C GLY B 385 -19.40 5.22 14.15
N THR B 386 -19.27 6.42 14.73
CA THR B 386 -18.55 6.61 15.95
C THR B 386 -19.35 6.02 17.11
N GLN B 387 -18.66 5.28 17.99
CA GLN B 387 -19.30 4.66 19.15
C GLN B 387 -19.31 5.61 20.32
N PRO B 388 -20.49 5.89 20.86
CA PRO B 388 -20.44 6.84 21.99
C PRO B 388 -19.99 6.12 23.28
N LEU B 389 -19.12 6.75 24.08
CA LEU B 389 -18.79 6.13 25.36
C LEU B 389 -20.03 6.06 26.28
N ALA B 390 -20.89 7.08 26.25
CA ALA B 390 -22.10 7.12 27.12
C ALA B 390 -23.25 6.26 26.62
N GLY B 391 -23.61 6.47 25.34
CA GLY B 391 -24.78 5.88 24.73
C GLY B 391 -24.83 4.36 24.88
N PRO B 392 -25.98 3.78 24.46
CA PRO B 392 -26.02 2.31 24.55
C PRO B 392 -25.18 1.76 23.38
N LYS B 393 -24.54 0.59 23.57
CA LYS B 393 -23.86 -0.09 22.48
C LYS B 393 -24.71 -0.13 21.17
N ARG B 394 -24.09 0.25 20.05
CA ARG B 394 -24.82 0.23 18.78
C ARG B 394 -24.49 -1.04 18.05
N SER B 395 -25.21 -1.27 16.96
CA SER B 395 -25.01 -2.50 16.22
C SER B 395 -23.78 -2.26 15.39
N SER B 396 -23.05 -3.32 15.10
CA SER B 396 -21.89 -3.22 14.18
C SER B 396 -22.13 -4.10 12.99
N VAL B 397 -21.55 -3.74 11.84
CA VAL B 397 -21.55 -4.64 10.69
C VAL B 397 -20.61 -5.84 10.95
N GLY B 398 -19.79 -5.78 12.01
CA GLY B 398 -18.90 -6.88 12.36
C GLY B 398 -17.73 -6.92 11.36
N ASN B 399 -17.07 -8.06 11.30
CA ASN B 399 -15.92 -8.26 10.42
C ASN B 399 -16.40 -8.77 9.11
N LEU B 400 -16.06 -8.08 8.03
CA LEU B 400 -16.55 -8.40 6.71
C LEU B 400 -15.61 -9.28 5.87
N TYR B 401 -14.57 -9.83 6.51
CA TYR B 401 -13.58 -10.71 5.90
C TYR B 401 -13.48 -11.91 6.88
N SER B 402 -12.66 -12.89 6.52
CA SER B 402 -12.47 -14.09 7.34
C SER B 402 -11.25 -13.95 8.24
N ARG B 403 -11.50 -13.74 9.54
CA ARG B 403 -10.40 -13.73 10.49
C ARG B 403 -9.74 -15.10 10.61
N GLU B 404 -10.55 -16.15 10.49
CA GLU B 404 -10.00 -17.51 10.54
C GLU B 404 -8.99 -17.68 9.39
N GLY B 405 -9.41 -17.32 8.16
CA GLY B 405 -8.50 -17.50 7.02
C GLY B 405 -7.18 -16.76 7.20
N LEU B 406 -7.26 -15.51 7.64
CA LEU B 406 -6.04 -14.72 7.78
C LEU B 406 -5.13 -15.31 8.83
N THR B 407 -5.77 -15.75 9.94
CA THR B 407 -5.01 -16.30 11.04
C THR B 407 -4.31 -17.62 10.62
N ARG B 408 -5.04 -18.46 9.89
CA ARG B 408 -4.40 -19.67 9.35
C ARG B 408 -3.22 -19.31 8.46
N TYR B 409 -3.41 -18.34 7.52
CA TYR B 409 -2.30 -18.06 6.66
C TYR B 409 -1.09 -17.58 7.43
N ILE B 410 -1.28 -16.67 8.39
CA ILE B 410 -0.11 -16.18 9.13
C ILE B 410 0.54 -17.27 9.98
N LEU B 411 -0.25 -17.98 10.78
CA LEU B 411 0.36 -18.93 11.71
C LEU B 411 0.78 -20.23 11.05
N SER B 412 -0.01 -20.73 10.10
CA SER B 412 0.32 -22.02 9.44
C SER B 412 1.33 -21.84 8.34
N CYS B 413 1.31 -20.68 7.62
CA CYS B 413 2.09 -20.57 6.39
C CYS B 413 3.20 -19.55 6.44
N CYS B 414 3.15 -18.56 7.34
CA CYS B 414 4.14 -17.45 7.25
C CYS B 414 5.18 -17.49 8.34
N GLN B 415 5.19 -18.52 9.20
CA GLN B 415 6.25 -18.59 10.19
C GLN B 415 7.46 -19.39 9.72
N CYS B 416 8.63 -18.81 9.82
N CYS B 416 8.64 -18.83 9.87
CA CYS B 416 9.88 -19.49 9.50
CA CYS B 416 9.88 -19.53 9.52
C CYS B 416 10.33 -20.29 10.72
C CYS B 416 10.43 -20.27 10.73
N LYS B 417 10.80 -21.52 10.53
CA LYS B 417 11.17 -22.36 11.64
C LYS B 417 12.32 -21.79 12.47
N LEU B 418 13.20 -21.00 11.85
CA LEU B 418 14.33 -20.40 12.55
C LEU B 418 14.01 -19.02 13.15
N GLY B 419 12.77 -18.58 13.01
CA GLY B 419 12.32 -17.27 13.48
C GLY B 419 12.12 -16.28 12.35
N GLY B 420 11.25 -15.30 12.61
CA GLY B 420 10.86 -14.38 11.56
C GLY B 420 9.62 -14.90 10.84
N LEU B 421 8.92 -13.95 10.22
CA LEU B 421 7.80 -14.32 9.34
C LEU B 421 8.10 -13.85 7.91
N ARG B 422 7.36 -14.43 6.98
CA ARG B 422 7.67 -14.28 5.55
C ARG B 422 6.43 -13.91 4.76
N ASP B 423 6.72 -13.50 3.52
CA ASP B 423 5.68 -13.24 2.54
C ASP B 423 4.80 -14.46 2.29
N LYS B 424 5.45 -15.56 1.97
CA LYS B 424 4.74 -16.79 1.64
C LYS B 424 5.74 -17.94 1.74
N PRO B 425 5.24 -19.17 1.78
CA PRO B 425 6.15 -20.31 1.75
C PRO B 425 7.12 -20.22 0.60
N GLY B 426 8.39 -20.55 0.86
CA GLY B 426 9.36 -20.43 -0.19
C GLY B 426 10.16 -19.17 -0.21
N LYS B 427 9.77 -18.22 0.62
CA LYS B 427 10.52 -16.96 0.75
C LYS B 427 11.26 -16.94 2.07
N HIS B 428 12.46 -16.34 2.11
CA HIS B 428 13.12 -16.15 3.41
C HIS B 428 12.37 -15.07 4.20
N PRO B 429 12.47 -15.12 5.55
CA PRO B 429 11.87 -14.02 6.32
C PRO B 429 12.67 -12.74 6.19
N ASP B 430 11.99 -11.67 6.58
CA ASP B 430 12.71 -10.41 6.79
C ASP B 430 11.94 -9.64 7.84
N SER B 431 12.51 -8.54 8.34
CA SER B 431 11.85 -7.90 9.47
C SER B 431 10.62 -7.08 9.05
N TYR B 432 10.57 -6.69 7.77
CA TYR B 432 9.35 -6.03 7.20
C TYR B 432 8.19 -7.02 7.24
N HIS B 433 8.39 -8.23 6.69
CA HIS B 433 7.33 -9.24 6.71
C HIS B 433 7.01 -9.69 8.15
N THR B 434 7.99 -9.71 9.02
CA THR B 434 7.76 -10.09 10.41
C THR B 434 6.89 -9.01 11.07
N CYS B 435 7.26 -7.73 10.94
CA CYS B 435 6.42 -6.70 11.50
C CYS B 435 4.95 -6.76 11.01
N TYR B 436 4.78 -6.81 9.68
CA TYR B 436 3.42 -6.66 9.17
C TYR B 436 2.56 -7.93 9.29
N ALA B 437 3.16 -9.12 9.28
CA ALA B 437 2.36 -10.31 9.59
C ALA B 437 1.93 -10.27 11.06
N LEU B 438 2.80 -9.84 11.98
CA LEU B 438 2.39 -9.71 13.38
C LEU B 438 1.33 -8.65 13.55
N THR B 439 1.46 -7.54 12.81
CA THR B 439 0.50 -6.44 12.92
C THR B 439 -0.89 -6.95 12.52
N GLY B 440 -0.97 -7.69 11.41
CA GLY B 440 -2.23 -8.27 10.98
C GLY B 440 -2.79 -9.31 11.93
N LEU B 441 -1.94 -10.15 12.53
CA LEU B 441 -2.43 -11.08 13.52
C LEU B 441 -3.03 -10.30 14.70
N SER B 442 -2.39 -9.19 15.08
CA SER B 442 -2.96 -8.41 16.21
C SER B 442 -4.33 -7.90 15.81
N THR B 443 -4.50 -7.36 14.59
CA THR B 443 -5.77 -6.76 14.29
CA THR B 443 -5.79 -6.79 14.17
C THR B 443 -6.93 -7.77 14.36
N VAL B 444 -6.69 -9.04 14.02
CA VAL B 444 -7.79 -10.02 14.17
C VAL B 444 -8.18 -10.30 15.61
N GLN B 445 -7.31 -9.93 16.52
CA GLN B 445 -7.53 -10.22 17.95
C GLN B 445 -8.25 -9.12 18.68
N TYR B 446 -8.60 -8.00 18.03
CA TYR B 446 -9.27 -6.89 18.71
C TYR B 446 -10.43 -6.37 17.93
N TYR B 447 -11.42 -5.85 18.66
N TYR B 447 -11.42 -5.82 18.61
CA TYR B 447 -12.38 -4.88 18.11
CA TYR B 447 -12.39 -4.95 17.89
C TYR B 447 -11.65 -3.53 18.13
C TYR B 447 -11.86 -3.53 18.06
N HIS B 448 -11.52 -2.89 16.95
CA HIS B 448 -10.94 -1.55 16.90
C HIS B 448 -12.07 -0.65 16.40
N TYR B 449 -12.34 0.44 17.09
CA TYR B 449 -13.46 1.32 16.71
C TYR B 449 -13.18 2.73 17.15
N CYS B 450 -13.98 3.65 16.61
N CYS B 450 -13.85 3.72 16.53
CA CYS B 450 -13.88 5.06 16.94
CA CYS B 450 -13.61 5.11 16.91
C CYS B 450 -14.79 5.43 18.04
C CYS B 450 -14.79 5.57 17.81
N THR B 451 -14.52 6.56 18.65
CA THR B 451 -15.44 6.96 19.70
C THR B 451 -15.59 8.48 19.72
N ASP B 452 -16.46 8.97 20.60
CA ASP B 452 -16.64 10.41 20.79
C ASP B 452 -15.73 10.94 21.88
N SER B 453 -14.75 10.14 22.28
CA SER B 453 -13.80 10.52 23.32
C SER B 453 -12.37 10.53 22.82
N SER B 454 -11.80 11.72 22.66
CA SER B 454 -10.49 11.83 22.08
C SER B 454 -9.42 12.19 23.06
N VAL B 455 -8.22 11.65 22.93
CA VAL B 455 -7.11 12.11 23.77
C VAL B 455 -6.58 13.47 23.30
N SER B 456 -6.92 13.88 22.08
CA SER B 456 -6.50 15.21 21.63
C SER B 456 -7.38 16.29 22.20
N SER B 457 -6.75 17.40 22.55
CA SER B 457 -7.44 18.59 23.01
C SER B 457 -7.95 19.45 21.85
N LYS B 458 -7.50 19.16 20.63
CA LYS B 458 -7.81 20.00 19.46
C LYS B 458 -8.75 19.29 18.47
N ASP B 459 -9.31 20.05 17.53
CA ASP B 459 -10.31 19.47 16.62
C ASP B 459 -9.76 18.68 15.40
N ASP B 460 -8.66 19.13 14.80
CA ASP B 460 -8.24 18.65 13.44
C ASP B 460 -8.25 17.13 13.13
N PHE B 461 -7.58 16.43 14.04
CA PHE B 461 -7.33 15.02 13.99
C PHE B 461 -8.07 14.42 15.18
N SER B 462 -9.18 15.01 15.64
N SER B 462 -9.16 15.06 15.64
CA SER B 462 -9.76 14.52 16.89
CA SER B 462 -9.86 14.58 16.84
C SER B 462 -10.22 13.07 16.79
C SER B 462 -10.20 13.09 16.76
N SER B 463 -10.84 12.70 15.67
CA SER B 463 -11.31 11.34 15.53
C SER B 463 -10.15 10.35 15.54
N ALA B 464 -9.03 10.72 14.91
CA ALA B 464 -7.87 9.82 14.85
C ALA B 464 -7.36 9.47 16.21
N PHE B 465 -7.56 10.37 17.17
CA PHE B 465 -7.13 10.12 18.56
C PHE B 465 -8.26 9.60 19.45
N SER B 466 -9.34 9.15 18.83
N SER B 466 -9.34 9.13 18.82
CA SER B 466 -10.50 8.64 19.55
CA SER B 466 -10.50 8.60 19.55
C SER B 466 -10.60 7.12 19.46
C SER B 466 -10.68 7.11 19.31
N TRP B 467 -9.70 6.45 18.70
CA TRP B 467 -9.79 5.00 18.53
C TRP B 467 -9.49 4.25 19.81
N LYS B 468 -10.34 3.27 20.08
CA LYS B 468 -10.25 2.42 21.28
C LYS B 468 -10.33 0.98 20.85
N HIS B 469 -10.10 0.08 21.80
CA HIS B 469 -10.03 -1.34 21.42
C HIS B 469 -10.59 -2.19 22.55
N ASP B 470 -11.19 -3.30 22.17
CA ASP B 470 -11.66 -4.34 23.13
CA ASP B 470 -11.61 -4.31 23.16
C ASP B 470 -11.10 -5.65 22.61
N PRO B 471 -10.78 -6.62 23.47
CA PRO B 471 -10.31 -7.89 22.92
C PRO B 471 -11.41 -8.64 22.20
N ASN B 472 -11.05 -9.28 21.10
N ASN B 472 -11.08 -9.22 21.03
CA ASN B 472 -11.97 -10.23 20.48
CA ASN B 472 -11.89 -10.28 20.37
C ASN B 472 -11.40 -11.61 20.77
C ASN B 472 -11.27 -11.55 20.91
N PHE B 473 -11.97 -12.23 21.79
CA PHE B 473 -11.36 -13.38 22.42
C PHE B 473 -11.35 -14.63 21.53
N ALA B 474 -10.37 -15.48 21.76
CA ALA B 474 -10.28 -16.77 21.04
C ALA B 474 -11.61 -17.52 21.15
N SER B 475 -12.02 -18.13 20.04
CA SER B 475 -13.33 -18.77 19.95
C SER B 475 -13.28 -20.27 20.19
N ASP B 476 -14.48 -20.87 20.27
CA ASP B 476 -14.60 -22.32 20.32
C ASP B 476 -15.65 -22.66 19.26
N GLY B 477 -15.52 -23.77 18.56
CA GLY B 477 -16.59 -24.11 17.64
C GLY B 477 -16.37 -23.49 16.26
N GLN B 478 -17.25 -23.85 15.35
CA GLN B 478 -17.16 -23.39 13.99
C GLN B 478 -18.00 -22.13 13.89
N GLY B 479 -17.75 -21.31 12.88
CA GLY B 479 -18.50 -20.10 12.75
C GLY B 479 -17.90 -19.28 11.65
N SER B 480 -18.63 -18.29 11.21
CA SER B 480 -18.11 -17.48 10.09
C SER B 480 -17.16 -16.37 10.54
N ASP B 481 -17.24 -16.00 11.80
CA ASP B 481 -16.40 -14.92 12.33
C ASP B 481 -15.80 -15.33 13.65
N ILE B 482 -14.69 -16.08 13.57
CA ILE B 482 -14.13 -16.68 14.76
C ILE B 482 -12.65 -16.43 14.92
N GLY B 483 -12.23 -16.50 16.17
CA GLY B 483 -10.85 -16.31 16.52
C GLY B 483 -10.20 -17.65 16.71
N VAL B 484 -9.34 -18.05 15.77
CA VAL B 484 -8.73 -19.40 15.74
C VAL B 484 -7.28 -19.40 16.21
N PHE B 485 -6.77 -18.22 16.57
CA PHE B 485 -5.55 -18.15 17.40
C PHE B 485 -5.91 -18.65 18.82
N THR B 486 -4.89 -18.92 19.60
CA THR B 486 -5.15 -19.17 21.05
C THR B 486 -4.88 -17.86 21.81
N GLU B 487 -5.35 -17.76 23.06
CA GLU B 487 -5.00 -16.57 23.84
C GLU B 487 -3.52 -16.48 24.13
N ASN B 488 -2.82 -17.63 24.15
CA ASN B 488 -1.38 -17.62 24.26
C ASN B 488 -0.70 -16.90 23.08
N ASP B 489 -1.41 -16.78 21.95
CA ASP B 489 -0.85 -16.07 20.74
C ASP B 489 -1.22 -14.56 20.79
N ARG B 490 -1.90 -14.06 21.83
CA ARG B 490 -2.36 -12.66 21.83
C ARG B 490 -1.23 -11.65 21.83
N LEU B 491 -1.35 -10.71 20.88
CA LEU B 491 -0.40 -9.62 20.76
C LEU B 491 -0.99 -8.33 21.29
N VAL B 492 -0.12 -7.33 21.52
CA VAL B 492 -0.56 -6.02 21.95
C VAL B 492 -1.38 -5.37 20.83
N PRO B 493 -2.45 -4.64 21.15
CA PRO B 493 -3.25 -3.96 20.09
C PRO B 493 -2.42 -2.79 19.48
N PHE B 494 -2.58 -2.58 18.17
CA PHE B 494 -1.99 -1.44 17.47
C PHE B 494 -3.08 -0.52 16.95
N HIS B 495 -2.76 0.76 16.94
CA HIS B 495 -3.70 1.74 16.40
C HIS B 495 -3.81 1.53 14.88
N PRO B 496 -5.02 1.41 14.34
CA PRO B 496 -5.11 1.10 12.89
C PRO B 496 -4.61 2.20 11.95
N ILE B 497 -4.57 3.45 12.38
CA ILE B 497 -4.01 4.50 11.51
C ILE B 497 -2.50 4.68 11.74
N PHE B 498 -2.05 4.68 13.01
CA PHE B 498 -0.64 5.05 13.30
C PHE B 498 0.26 3.84 13.33
N VAL B 499 -0.30 2.62 13.45
CA VAL B 499 0.55 1.40 13.36
C VAL B 499 1.65 1.34 14.43
N ILE B 500 1.25 1.73 15.65
CA ILE B 500 1.99 1.64 16.88
C ILE B 500 0.96 1.46 17.99
N PRO B 501 1.40 1.12 19.20
CA PRO B 501 0.40 0.98 20.27
C PRO B 501 -0.36 2.30 20.51
N HIS B 502 -1.65 2.19 20.84
CA HIS B 502 -2.42 3.41 21.11
C HIS B 502 -1.80 4.35 22.12
N LYS B 503 -1.28 3.80 23.22
CA LYS B 503 -0.68 4.64 24.23
C LYS B 503 0.56 5.39 23.68
N SER B 504 1.33 4.72 22.81
CA SER B 504 2.49 5.41 22.28
C SER B 504 2.04 6.60 21.40
N ALA B 505 0.99 6.38 20.60
CA ALA B 505 0.50 7.47 19.70
C ALA B 505 -0.09 8.59 20.55
N GLU B 506 -0.82 8.19 21.60
CA GLU B 506 -1.43 9.18 22.48
C GLU B 506 -0.34 10.00 23.18
N ASP B 507 0.65 9.32 23.75
CA ASP B 507 1.62 10.01 24.57
C ASP B 507 2.42 11.03 23.75
N ILE B 508 2.83 10.68 22.52
CA ILE B 508 3.59 11.62 21.75
C ILE B 508 2.73 12.81 21.32
N ARG B 509 1.52 12.55 20.88
CA ARG B 509 0.63 13.66 20.45
C ARG B 509 0.37 14.61 21.62
N VAL B 510 0.07 14.05 22.80
CA VAL B 510 -0.27 14.90 23.92
C VAL B 510 0.94 15.69 24.38
N TRP B 511 2.12 15.07 24.35
CA TRP B 511 3.34 15.80 24.72
C TRP B 511 3.54 17.00 23.80
N PHE B 512 3.39 16.75 22.50
CA PHE B 512 3.59 17.85 21.56
C PHE B 512 2.52 18.91 21.64
N GLU B 513 1.26 18.51 21.88
CA GLU B 513 0.19 19.48 22.10
C GLU B 513 0.49 20.47 23.22
N ASN B 514 1.26 19.99 24.19
CA ASN B 514 1.58 20.80 25.34
C ASN B 514 2.88 21.57 25.22
N GLN B 515 3.51 21.47 24.06
CA GLN B 515 4.72 22.28 23.80
C GLN B 515 4.38 23.43 22.88
N SER B 516 4.85 24.63 23.23
CA SER B 516 4.66 25.72 22.27
C SER B 516 5.46 25.48 21.01
N PHE B 517 4.90 25.92 19.89
CA PHE B 517 5.54 25.72 18.61
C PHE B 517 6.73 26.65 18.59
N ASP B 518 7.84 26.12 18.09
CA ASP B 518 9.11 26.81 18.16
CA ASP B 518 9.09 26.83 18.22
C ASP B 518 9.14 28.14 17.41
N LEU B 519 9.79 29.15 17.99
CA LEU B 519 9.98 30.41 17.28
C LEU B 519 11.02 30.29 16.15
N LYS C 1 9.74 -10.33 -3.24
CA LYS C 1 10.46 -9.15 -2.72
C LYS C 1 9.57 -7.92 -2.71
N CYS C 2 9.48 -7.29 -1.54
CA CYS C 2 8.59 -6.15 -1.39
C CYS C 2 9.45 -4.92 -1.22
N VAL C 3 8.99 -3.82 -1.77
CA VAL C 3 9.77 -2.59 -1.72
C VAL C 3 8.72 -1.58 -1.35
N VAL C 4 9.06 -0.64 -0.46
CA VAL C 4 8.18 0.44 -0.01
C VAL C 4 8.72 1.84 -0.28
N MET C 5 10.00 1.96 -0.69
CA MET C 5 10.55 3.29 -1.03
C MET C 5 11.71 3.16 -1.96
CL CL D . -7.11 23.01 -11.61
C1 EDO E . 14.70 6.65 -28.53
O1 EDO E . 13.37 6.14 -28.37
C2 EDO E . 15.47 6.09 -29.72
O2 EDO E . 14.73 6.33 -30.93
C1 EDO F . 25.34 10.67 0.78
O1 EDO F . 23.96 10.80 0.33
C2 EDO F . 25.36 9.62 1.89
O2 EDO F . 25.18 8.30 1.33
C1 EDO G . 27.56 5.85 3.98
O1 EDO G . 27.91 7.22 3.86
C2 EDO G . 26.08 5.69 4.24
O2 EDO G . 25.29 6.35 3.25
C1 EDO H . -13.00 -17.93 -6.01
O1 EDO H . -13.61 -18.91 -5.15
C2 EDO H . -12.04 -18.72 -6.92
O2 EDO H . -12.74 -19.61 -7.82
C1 EDO I . 8.64 16.15 -13.00
O1 EDO I . 8.33 16.22 -11.61
C2 EDO I . 8.00 14.89 -13.54
O2 EDO I . 6.61 14.82 -13.17
ZN ZN J . 5.20 -8.60 1.12
CL CL K . 10.58 -22.74 7.59
CL CL L . 21.31 16.20 1.72
C1 EDO M . 15.97 -6.25 7.24
O1 EDO M . 14.70 -5.64 7.07
C2 EDO M . 16.10 -7.69 6.89
O2 EDO M . 15.24 -8.42 7.76
C1 EDO N . -7.34 -16.98 -5.94
O1 EDO N . -8.52 -17.74 -5.79
C2 EDO N . -7.13 -16.14 -7.20
O2 EDO N . -7.39 -16.82 -8.40
C1 EDO O . 0.82 17.80 -8.37
O1 EDO O . 0.19 19.07 -8.60
C2 EDO O . 2.20 17.60 -8.97
O2 EDO O . 3.25 18.57 -8.80
C1 EDO P . 6.18 14.59 -8.83
O1 EDO P . 6.56 14.33 -10.18
C2 EDO P . 5.06 15.63 -8.75
O2 EDO P . 4.95 16.36 -9.97
C1 FII Q . 3.56 3.65 4.40
C2 FII Q . 4.11 2.97 3.18
C6 FII Q . 5.45 3.41 2.76
C10 FII Q . 3.18 2.26 2.30
C11 FII Q . 3.58 1.59 0.98
C12 FII Q . 3.75 0.07 1.26
C15 FII Q . 3.71 -0.87 0.06
C18 FII Q . 3.87 -2.37 0.28
C22 FII Q . 3.95 -0.23 -1.27
C23 FII Q . 3.53 -1.08 -2.46
C24 FII Q . 4.03 -0.52 -3.74
C27 FII Q . 4.01 -1.55 -4.81
C30 FII Q . 2.72 -1.63 -5.61
C34 FII Q . 5.34 -1.86 -5.41
C35 FII Q . 5.50 -2.66 -6.68
O36 FII Q . 6.13 -3.91 -6.42
N42 FII Q . 5.53 -4.70 -5.48
C43 FII Q . 4.76 -5.73 -6.06
O44 FII Q . 4.59 -5.89 -7.28
C45 FII Q . 4.16 -6.66 -5.02
P46 FII Q . 2.50 -7.37 -5.52
O49 FII Q . 1.70 -6.22 -6.01
O50 FII Q . 2.75 -8.46 -6.50
O51 FII Q . 1.98 -7.92 -4.17
#